data_2F4N
#
_entry.id   2F4N
#
_cell.length_a   126.840
_cell.length_b   110.080
_cell.length_c   75.820
_cell.angle_alpha   90.00
_cell.angle_beta   115.39
_cell.angle_gamma   90.00
#
_symmetry.space_group_name_H-M   'C 1 2 1'
#
loop_
_entity.id
_entity.type
_entity.pdbx_description
1 polymer 'Hypothetical protein MJ1651'
2 water water
#
_entity_poly.entity_id   1
_entity_poly.type   'polypeptide(L)'
_entity_poly.pdbx_seq_one_letter_code
;(MSE)SLGIY(MSE)RDDILDIITLTTDFGTNEGYVGA(MSE)KGRILNILKKYNKDAKIIDISHEIKPFNIYHGAYVLL
TAIPYFPPSVHVAVIDPTVGSERKSIVIETKSGYYLVGPDNGLFTYVAEKLGIKRIIKIDEERYKPSSTFHGRDVYAVVG
AEILINNGYDGEELDE(MSE)VKIDETKKRVIHIDRFGNIITNIKKDEVTFKYYDTI(MSE)IKIRHKNGIEKIIKCKFV
KSYFEEKNNFICLINSEGFLEISKF(MSE)DNASKLLNVDYLDEIEIEGGSHHHHHH
;
_entity_poly.pdbx_strand_id   A,B,C
#
# COMPACT_ATOMS: atom_id res chain seq x y z
N ASP A 9 -18.52 -13.68 -19.36
CA ASP A 9 -18.11 -12.78 -20.48
C ASP A 9 -16.76 -13.21 -21.07
N ASP A 10 -16.67 -13.22 -22.39
CA ASP A 10 -15.41 -13.61 -23.04
C ASP A 10 -14.56 -12.42 -23.45
N ILE A 11 -14.77 -11.29 -22.77
CA ILE A 11 -14.00 -10.08 -23.05
C ILE A 11 -13.05 -9.76 -21.87
N LEU A 12 -11.78 -9.53 -22.18
CA LEU A 12 -10.81 -9.23 -21.14
C LEU A 12 -10.91 -7.77 -20.68
N ASP A 13 -11.28 -7.61 -19.41
CA ASP A 13 -11.51 -6.31 -18.81
C ASP A 13 -10.66 -6.02 -17.57
N ILE A 14 -10.09 -7.06 -16.98
CA ILE A 14 -9.31 -6.89 -15.76
C ILE A 14 -7.84 -7.22 -15.91
N ILE A 15 -7.00 -6.49 -15.18
CA ILE A 15 -5.57 -6.72 -15.20
C ILE A 15 -5.02 -6.42 -13.81
N THR A 16 -4.36 -7.42 -13.23
CA THR A 16 -3.78 -7.26 -11.91
C THR A 16 -2.28 -7.11 -12.01
N LEU A 17 -1.66 -6.62 -10.94
CA LEU A 17 -0.22 -6.43 -10.91
C LEU A 17 0.33 -6.93 -9.58
N THR A 18 1.43 -7.67 -9.67
CA THR A 18 2.09 -8.20 -8.49
C THR A 18 3.58 -7.97 -8.69
N THR A 19 4.20 -7.25 -7.76
CA THR A 19 5.64 -6.94 -7.90
C THR A 19 6.37 -6.88 -6.58
N ASP A 20 7.70 -6.77 -6.66
CA ASP A 20 8.54 -6.64 -5.47
C ASP A 20 9.15 -5.25 -5.51
N PHE A 21 8.43 -4.32 -6.15
CA PHE A 21 8.88 -2.93 -6.29
C PHE A 21 8.72 -2.13 -5.01
N GLY A 22 7.69 -2.41 -4.24
CA GLY A 22 7.46 -1.66 -3.03
C GLY A 22 6.82 -0.35 -3.45
N THR A 23 6.55 0.52 -2.49
CA THR A 23 5.93 1.80 -2.82
C THR A 23 6.84 2.99 -2.55
N ASN A 24 8.06 2.70 -2.11
CA ASN A 24 9.02 3.77 -1.82
C ASN A 24 9.39 4.54 -3.12
N GLU A 25 9.41 3.84 -4.24
CA GLU A 25 9.72 4.43 -5.52
C GLU A 25 8.44 4.65 -6.34
N GLY A 26 8.60 5.06 -7.58
CA GLY A 26 7.44 5.31 -8.43
C GLY A 26 7.35 4.36 -9.59
N TYR A 27 7.97 3.20 -9.44
CA TYR A 27 7.95 2.21 -10.52
C TYR A 27 6.55 1.64 -10.71
N VAL A 28 5.84 1.42 -9.63
CA VAL A 28 4.49 0.87 -9.73
C VAL A 28 3.59 1.87 -10.44
N GLY A 29 3.68 3.14 -10.04
CA GLY A 29 2.89 4.17 -10.68
C GLY A 29 3.18 4.27 -12.16
N ALA A 30 4.47 4.21 -12.52
CA ALA A 30 4.89 4.28 -13.91
C ALA A 30 4.31 3.14 -14.75
N LYS A 32 1.37 1.51 -14.02
CA LYS A 32 -0.06 1.74 -14.17
C LYS A 32 -0.25 2.79 -15.25
N GLY A 33 0.65 3.77 -15.23
CA GLY A 33 0.61 4.85 -16.20
C GLY A 33 0.77 4.39 -17.64
N ARG A 34 1.74 3.53 -17.90
CA ARG A 34 1.92 3.06 -19.25
C ARG A 34 0.75 2.22 -19.72
N ILE A 35 0.19 1.44 -18.80
CA ILE A 35 -0.96 0.60 -19.15
C ILE A 35 -2.09 1.52 -19.57
N LEU A 36 -2.43 2.47 -18.71
CA LEU A 36 -3.48 3.42 -18.97
C LEU A 36 -3.24 4.19 -20.26
N ASN A 37 -1.99 4.57 -20.50
CA ASN A 37 -1.65 5.33 -21.69
C ASN A 37 -2.04 4.55 -22.93
N ILE A 38 -1.73 3.25 -22.95
CA ILE A 38 -2.05 2.40 -24.09
C ILE A 38 -3.56 2.12 -24.22
N LEU A 39 -4.21 1.80 -23.10
CA LEU A 39 -5.63 1.51 -23.10
C LEU A 39 -6.46 2.68 -23.63
N LYS A 40 -5.97 3.91 -23.40
CA LYS A 40 -6.68 5.09 -23.86
C LYS A 40 -6.53 5.26 -25.37
N LYS A 41 -5.31 5.04 -25.85
CA LYS A 41 -4.96 5.14 -27.27
C LYS A 41 -5.77 4.16 -28.13
N TYR A 42 -6.70 3.45 -27.51
CA TYR A 42 -7.54 2.45 -28.18
C TYR A 42 -8.88 2.44 -27.47
N ASN A 43 -9.13 3.50 -26.70
CA ASN A 43 -10.36 3.61 -25.91
C ASN A 43 -10.85 2.26 -25.38
N LYS A 44 -9.95 1.56 -24.70
CA LYS A 44 -10.26 0.26 -24.10
C LYS A 44 -10.45 0.47 -22.60
N ASP A 45 -11.62 0.13 -22.10
CA ASP A 45 -11.88 0.30 -20.68
C ASP A 45 -11.60 -0.96 -19.87
N ALA A 46 -10.72 -0.83 -18.89
CA ALA A 46 -10.35 -1.96 -18.05
C ALA A 46 -10.00 -1.49 -16.64
N LYS A 47 -10.24 -2.36 -15.68
CA LYS A 47 -9.92 -2.05 -14.29
C LYS A 47 -8.52 -2.59 -14.00
N ILE A 48 -7.77 -1.84 -13.21
CA ILE A 48 -6.42 -2.24 -12.82
C ILE A 48 -6.40 -2.51 -11.33
N ILE A 49 -6.12 -3.75 -10.96
CA ILE A 49 -6.10 -4.12 -9.55
C ILE A 49 -4.71 -4.46 -9.07
N ASP A 50 -4.40 -4.07 -7.84
CA ASP A 50 -3.13 -4.41 -7.26
C ASP A 50 -3.36 -5.61 -6.36
N ILE A 51 -2.53 -6.63 -6.52
CA ILE A 51 -2.63 -7.78 -5.65
C ILE A 51 -1.68 -7.49 -4.50
N SER A 52 -0.46 -7.13 -4.84
CA SER A 52 0.56 -6.82 -3.84
C SER A 52 1.81 -6.26 -4.52
N HIS A 53 2.51 -5.38 -3.82
CA HIS A 53 3.74 -4.83 -4.34
C HIS A 53 4.81 -4.99 -3.27
N GLU A 54 4.45 -5.73 -2.23
CA GLU A 54 5.33 -5.99 -1.11
C GLU A 54 5.91 -7.40 -1.13
N ILE A 55 6.05 -7.97 -2.31
CA ILE A 55 6.64 -9.28 -2.40
C ILE A 55 8.11 -9.00 -2.08
N LYS A 56 8.74 -9.87 -1.29
CA LYS A 56 10.14 -9.69 -0.93
C LYS A 56 11.00 -9.71 -2.19
N PRO A 57 11.84 -8.69 -2.35
CA PRO A 57 12.75 -8.49 -3.48
C PRO A 57 13.41 -9.74 -4.05
N PHE A 58 13.17 -10.00 -5.32
CA PHE A 58 13.78 -11.16 -5.97
C PHE A 58 13.28 -12.51 -5.46
N ASN A 59 12.39 -12.51 -4.48
CA ASN A 59 11.88 -13.79 -3.97
C ASN A 59 10.68 -14.34 -4.78
N ILE A 60 10.94 -15.19 -5.77
CA ILE A 60 9.88 -15.74 -6.60
C ILE A 60 8.99 -16.75 -5.90
N TYR A 61 9.46 -17.27 -4.78
CA TYR A 61 8.69 -18.24 -4.02
C TYR A 61 7.57 -17.50 -3.29
N HIS A 62 7.89 -16.31 -2.81
CA HIS A 62 6.91 -15.48 -2.13
C HIS A 62 5.83 -15.08 -3.15
N GLY A 63 6.27 -14.60 -4.31
CA GLY A 63 5.34 -14.18 -5.33
C GLY A 63 4.41 -15.31 -5.75
N ALA A 64 4.99 -16.45 -6.08
CA ALA A 64 4.23 -17.62 -6.52
C ALA A 64 3.11 -17.97 -5.55
N TYR A 65 3.39 -17.87 -4.26
CA TYR A 65 2.41 -18.19 -3.24
C TYR A 65 1.29 -17.13 -3.16
N VAL A 66 1.65 -15.87 -3.37
CA VAL A 66 0.66 -14.80 -3.33
C VAL A 66 -0.27 -14.92 -4.54
N LEU A 67 0.31 -15.17 -5.71
CA LEU A 67 -0.45 -15.33 -6.94
C LEU A 67 -1.43 -16.49 -6.81
N LEU A 68 -0.98 -17.59 -6.22
CA LEU A 68 -1.81 -18.76 -6.04
C LEU A 68 -3.01 -18.43 -5.17
N THR A 69 -2.78 -17.66 -4.13
CA THR A 69 -3.80 -17.25 -3.18
C THR A 69 -4.86 -16.27 -3.70
N ALA A 70 -4.49 -15.41 -4.65
CA ALA A 70 -5.42 -14.41 -5.13
C ALA A 70 -6.03 -14.58 -6.53
N ILE A 71 -5.22 -14.96 -7.52
CA ILE A 71 -5.70 -15.09 -8.89
C ILE A 71 -6.88 -16.02 -9.16
N PRO A 72 -6.88 -17.23 -8.57
CA PRO A 72 -7.98 -18.17 -8.79
C PRO A 72 -9.36 -17.60 -8.50
N TYR A 73 -9.43 -16.57 -7.66
CA TYR A 73 -10.72 -15.98 -7.32
C TYR A 73 -11.21 -14.91 -8.29
N PHE A 74 -10.35 -14.49 -9.21
CA PHE A 74 -10.73 -13.49 -10.21
C PHE A 74 -11.39 -14.21 -11.39
N PRO A 75 -12.20 -13.50 -12.19
CA PRO A 75 -12.81 -14.15 -13.33
C PRO A 75 -11.72 -14.03 -14.40
N PRO A 76 -11.83 -14.75 -15.52
CA PRO A 76 -10.82 -14.67 -16.59
C PRO A 76 -10.29 -13.26 -16.76
N SER A 77 -8.97 -13.12 -16.72
CA SER A 77 -8.36 -11.81 -16.82
C SER A 77 -6.85 -11.87 -17.02
N VAL A 78 -6.26 -10.70 -17.25
CA VAL A 78 -4.81 -10.60 -17.43
C VAL A 78 -4.15 -10.36 -16.07
N HIS A 79 -2.97 -10.94 -15.88
CA HIS A 79 -2.26 -10.78 -14.61
C HIS A 79 -0.76 -10.59 -14.83
N VAL A 80 -0.27 -9.37 -14.61
CA VAL A 80 1.15 -9.11 -14.77
C VAL A 80 1.91 -9.30 -13.44
N ALA A 81 2.93 -10.16 -13.46
CA ALA A 81 3.71 -10.43 -12.25
C ALA A 81 5.18 -10.19 -12.55
N VAL A 82 5.78 -9.24 -11.84
CA VAL A 82 7.18 -8.96 -12.06
C VAL A 82 8.03 -9.09 -10.80
N ILE A 83 8.69 -10.24 -10.72
CA ILE A 83 9.61 -10.56 -9.64
C ILE A 83 10.59 -11.47 -10.36
N ASP A 84 11.85 -11.07 -10.43
CA ASP A 84 12.83 -11.89 -11.10
C ASP A 84 14.26 -11.41 -11.04
N PRO A 85 15.15 -12.22 -10.44
CA PRO A 85 16.57 -11.85 -10.34
C PRO A 85 17.28 -12.05 -11.70
N THR A 86 16.94 -11.19 -12.65
CA THR A 86 17.50 -11.22 -14.01
C THR A 86 17.76 -12.64 -14.50
N ARG A 91 15.84 -11.23 -19.48
CA ARG A 91 15.94 -12.67 -19.77
C ARG A 91 14.68 -13.26 -20.39
N LYS A 92 14.45 -14.56 -20.17
CA LYS A 92 13.30 -15.28 -20.73
C LYS A 92 11.91 -14.85 -20.22
N SER A 93 11.10 -14.27 -21.10
CA SER A 93 9.77 -13.80 -20.71
C SER A 93 8.67 -14.58 -21.43
N ILE A 94 7.50 -14.70 -20.80
CA ILE A 94 6.42 -15.45 -21.39
C ILE A 94 5.01 -15.01 -21.05
N VAL A 95 4.07 -15.46 -21.87
CA VAL A 95 2.65 -15.20 -21.69
C VAL A 95 2.10 -16.61 -21.60
N ILE A 96 1.25 -16.86 -20.60
CA ILE A 96 0.66 -18.17 -20.43
C ILE A 96 -0.86 -18.02 -20.49
N GLU A 97 -1.48 -18.74 -21.41
CA GLU A 97 -2.93 -18.72 -21.52
C GLU A 97 -3.43 -19.97 -20.81
N THR A 98 -4.33 -19.81 -19.85
CA THR A 98 -4.87 -20.94 -19.12
C THR A 98 -6.09 -21.51 -19.84
N LYS A 99 -6.60 -22.63 -19.34
CA LYS A 99 -7.77 -23.30 -19.92
C LYS A 99 -8.96 -22.36 -20.06
N SER A 100 -9.34 -21.71 -18.96
CA SER A 100 -10.48 -20.81 -18.95
C SER A 100 -10.22 -19.41 -19.51
N GLY A 101 -9.11 -19.24 -20.23
CA GLY A 101 -8.84 -17.94 -20.81
C GLY A 101 -8.03 -16.92 -20.01
N TYR A 102 -7.56 -17.26 -18.81
CA TYR A 102 -6.76 -16.31 -18.04
C TYR A 102 -5.43 -16.09 -18.75
N TYR A 103 -4.80 -14.96 -18.46
CA TYR A 103 -3.51 -14.69 -19.05
C TYR A 103 -2.52 -14.25 -17.98
N LEU A 104 -1.42 -15.00 -17.90
CA LEU A 104 -0.38 -14.72 -16.93
C LEU A 104 0.83 -14.14 -17.67
N VAL A 105 1.22 -12.93 -17.32
CA VAL A 105 2.35 -12.28 -17.98
C VAL A 105 3.51 -12.11 -17.00
N GLY A 106 4.68 -12.57 -17.40
CA GLY A 106 5.83 -12.45 -16.53
C GLY A 106 7.03 -13.24 -16.99
N PRO A 107 8.10 -13.30 -16.17
CA PRO A 107 9.33 -14.03 -16.47
C PRO A 107 9.15 -15.56 -16.39
N ASP A 108 9.85 -16.28 -17.23
CA ASP A 108 9.78 -17.74 -17.23
C ASP A 108 10.81 -18.27 -16.20
N ASN A 109 10.46 -18.22 -14.92
CA ASN A 109 11.35 -18.66 -13.86
C ASN A 109 10.67 -19.37 -12.70
N GLY A 110 9.46 -19.88 -12.94
CA GLY A 110 8.73 -20.60 -11.90
C GLY A 110 7.79 -19.71 -11.13
N LEU A 111 7.78 -18.43 -11.46
CA LEU A 111 6.92 -17.49 -10.78
C LEU A 111 5.48 -17.99 -10.81
N PHE A 112 5.00 -18.27 -12.02
CA PHE A 112 3.64 -18.73 -12.26
C PHE A 112 3.37 -20.23 -12.08
N THR A 113 4.25 -20.93 -11.37
CA THR A 113 4.09 -22.37 -11.19
C THR A 113 2.81 -22.89 -10.53
N TYR A 114 2.51 -22.45 -9.32
CA TYR A 114 1.33 -22.93 -8.61
C TYR A 114 0.02 -22.52 -9.26
N VAL A 115 -0.07 -21.26 -9.67
CA VAL A 115 -1.29 -20.76 -10.28
C VAL A 115 -1.56 -21.39 -11.64
N ALA A 116 -0.50 -21.61 -12.42
CA ALA A 116 -0.62 -22.21 -13.74
C ALA A 116 -1.11 -23.64 -13.65
N GLU A 117 -0.70 -24.34 -12.61
CA GLU A 117 -1.11 -25.72 -12.42
C GLU A 117 -2.59 -25.79 -12.07
N LYS A 118 -3.03 -24.91 -11.17
CA LYS A 118 -4.42 -24.90 -10.75
C LYS A 118 -5.40 -24.33 -11.78
N LEU A 119 -4.89 -23.61 -12.77
CA LEU A 119 -5.75 -23.04 -13.79
C LEU A 119 -5.61 -23.80 -15.09
N GLY A 120 -4.68 -24.75 -15.10
CA GLY A 120 -4.47 -25.56 -16.29
C GLY A 120 -3.86 -24.74 -17.41
N ILE A 121 -2.71 -25.19 -17.90
CA ILE A 121 -2.02 -24.50 -18.98
C ILE A 121 -2.59 -24.93 -20.32
N LYS A 122 -3.05 -23.94 -21.09
CA LYS A 122 -3.62 -24.21 -22.41
C LYS A 122 -2.45 -24.11 -23.38
N ARG A 123 -1.74 -22.99 -23.32
CA ARG A 123 -0.58 -22.80 -24.19
C ARG A 123 0.36 -21.79 -23.54
N ILE A 124 1.62 -21.88 -23.89
CA ILE A 124 2.63 -20.97 -23.35
C ILE A 124 3.22 -20.25 -24.53
N ILE A 125 3.16 -18.93 -24.52
CA ILE A 125 3.72 -18.16 -25.62
C ILE A 125 5.01 -17.47 -25.19
N LYS A 126 5.94 -17.39 -26.12
CA LYS A 126 7.22 -16.75 -25.87
C LYS A 126 7.08 -15.27 -26.23
N ILE A 127 7.66 -14.39 -25.41
CA ILE A 127 7.63 -12.96 -25.69
C ILE A 127 8.93 -12.61 -26.40
N ASP A 128 8.81 -12.08 -27.62
CA ASP A 128 9.96 -11.73 -28.46
C ASP A 128 10.67 -10.42 -28.03
N GLU A 129 11.55 -9.93 -28.91
CA GLU A 129 12.28 -8.68 -28.67
C GLU A 129 11.41 -7.58 -29.25
N GLU A 130 10.45 -8.01 -30.08
CA GLU A 130 9.48 -7.13 -30.74
C GLU A 130 9.43 -5.77 -30.03
N ARG A 131 9.39 -5.82 -28.71
CA ARG A 131 9.35 -4.62 -27.88
C ARG A 131 10.69 -3.88 -27.84
N GLY A 140 12.57 -5.75 -18.94
CA GLY A 140 12.14 -4.39 -18.68
C GLY A 140 10.79 -4.32 -18.02
N ARG A 141 10.72 -3.62 -16.89
CA ARG A 141 9.46 -3.48 -16.16
C ARG A 141 8.34 -2.96 -17.07
N ASP A 142 8.65 -1.94 -17.86
CA ASP A 142 7.66 -1.37 -18.77
C ASP A 142 7.51 -2.19 -20.07
N VAL A 143 7.70 -3.51 -19.97
CA VAL A 143 7.57 -4.43 -21.12
C VAL A 143 6.45 -5.42 -20.82
N TYR A 144 6.39 -5.89 -19.58
CA TYR A 144 5.34 -6.81 -19.20
C TYR A 144 4.05 -6.01 -19.16
N ALA A 145 4.19 -4.70 -18.99
CA ALA A 145 3.04 -3.80 -18.94
C ALA A 145 2.40 -3.64 -20.31
N VAL A 146 3.21 -3.35 -21.31
CA VAL A 146 2.70 -3.16 -22.66
C VAL A 146 1.99 -4.43 -23.11
N VAL A 147 2.63 -5.57 -22.88
CA VAL A 147 2.08 -6.87 -23.26
C VAL A 147 0.72 -7.08 -22.59
N GLY A 148 0.67 -6.86 -21.28
CA GLY A 148 -0.58 -7.05 -20.57
C GLY A 148 -1.71 -6.17 -21.09
N ALA A 149 -1.38 -4.95 -21.52
CA ALA A 149 -2.39 -4.04 -22.03
C ALA A 149 -2.78 -4.47 -23.44
N GLU A 150 -1.77 -4.94 -24.18
CA GLU A 150 -1.96 -5.39 -25.56
C GLU A 150 -2.93 -6.58 -25.60
N ILE A 151 -2.83 -7.44 -24.59
CA ILE A 151 -3.68 -8.61 -24.46
C ILE A 151 -5.12 -8.15 -24.19
N LEU A 152 -5.24 -7.07 -23.43
CA LEU A 152 -6.55 -6.51 -23.10
C LEU A 152 -7.21 -5.93 -24.34
N ILE A 153 -6.41 -5.31 -25.19
CA ILE A 153 -6.92 -4.67 -26.39
C ILE A 153 -7.32 -5.69 -27.45
N ASN A 154 -6.49 -6.69 -27.67
CA ASN A 154 -6.76 -7.71 -28.67
C ASN A 154 -7.54 -8.88 -28.11
N ASN A 155 -7.85 -8.83 -26.82
CA ASN A 155 -8.58 -9.92 -26.15
C ASN A 155 -7.87 -11.26 -26.33
N GLY A 156 -6.54 -11.22 -26.36
CA GLY A 156 -5.75 -12.42 -26.52
C GLY A 156 -4.31 -12.11 -26.89
N TYR A 157 -3.50 -13.16 -27.05
CA TYR A 157 -2.09 -13.00 -27.39
C TYR A 157 -1.63 -14.10 -28.35
N ASP A 158 -0.57 -13.83 -29.10
CA ASP A 158 -0.02 -14.81 -30.04
C ASP A 158 1.49 -14.68 -30.18
N GLY A 159 2.17 -15.82 -30.35
CA GLY A 159 3.61 -15.81 -30.49
C GLY A 159 4.12 -17.22 -30.74
N GLU A 160 5.45 -17.40 -30.78
CA GLU A 160 6.01 -18.73 -30.98
C GLU A 160 5.77 -19.52 -29.70
N GLU A 161 5.21 -20.71 -29.84
CA GLU A 161 4.89 -21.54 -28.68
C GLU A 161 6.07 -22.18 -27.97
N LEU A 162 5.94 -22.31 -26.65
CA LEU A 162 6.96 -22.92 -25.80
C LEU A 162 6.42 -24.27 -25.30
N ASP A 163 7.26 -25.31 -25.35
CA ASP A 163 6.87 -26.65 -24.92
C ASP A 163 6.61 -26.76 -23.41
N GLU A 164 7.64 -26.46 -22.65
CA GLU A 164 7.57 -26.51 -21.20
C GLU A 164 8.15 -25.23 -20.64
N VAL A 166 9.80 -23.17 -16.77
CA VAL A 166 10.54 -23.36 -15.53
C VAL A 166 9.50 -23.55 -14.45
N LYS A 167 9.72 -24.52 -13.59
CA LYS A 167 8.76 -24.78 -12.52
C LYS A 167 9.44 -24.98 -11.19
N ILE A 168 8.81 -24.43 -10.16
CA ILE A 168 9.28 -24.56 -8.79
C ILE A 168 9.09 -26.03 -8.42
N ASP A 169 10.18 -26.74 -8.14
CA ASP A 169 10.01 -28.16 -7.78
C ASP A 169 9.13 -28.25 -6.54
N GLU A 170 8.08 -29.05 -6.63
CA GLU A 170 7.15 -29.22 -5.52
C GLU A 170 7.30 -30.58 -4.87
N THR A 171 8.23 -31.39 -5.36
CA THR A 171 8.45 -32.72 -4.81
C THR A 171 9.44 -32.72 -3.65
N LYS A 172 10.36 -31.77 -3.65
CA LYS A 172 11.31 -31.65 -2.55
C LYS A 172 10.59 -30.85 -1.45
N LYS A 173 10.40 -31.47 -0.29
CA LYS A 173 9.71 -30.80 0.80
C LYS A 173 10.54 -29.74 1.53
N ARG A 174 10.11 -28.50 1.44
CA ARG A 174 10.82 -27.40 2.05
C ARG A 174 9.89 -26.26 2.45
N VAL A 175 10.45 -25.21 3.05
CA VAL A 175 9.66 -24.05 3.45
C VAL A 175 9.17 -23.37 2.17
N ILE A 176 7.86 -23.32 2.04
CA ILE A 176 7.13 -22.77 0.89
C ILE A 176 7.10 -21.23 0.91
N HIS A 177 6.90 -20.66 2.09
CA HIS A 177 6.75 -19.23 2.22
C HIS A 177 6.71 -18.81 3.68
N ILE A 178 6.93 -17.53 3.96
CA ILE A 178 6.84 -17.10 5.36
C ILE A 178 5.86 -15.97 5.61
N ASP A 179 4.95 -16.29 6.51
CA ASP A 179 3.86 -15.45 7.00
C ASP A 179 4.36 -14.10 7.50
N ARG A 180 3.44 -13.13 7.63
CA ARG A 180 3.79 -11.79 8.13
C ARG A 180 3.93 -11.87 9.66
N PHE A 181 3.44 -12.97 10.23
CA PHE A 181 3.48 -13.20 11.66
C PHE A 181 4.72 -14.01 12.04
N GLY A 182 5.40 -14.57 11.04
CA GLY A 182 6.57 -15.38 11.29
C GLY A 182 6.26 -16.86 11.11
N ASN A 183 5.02 -17.16 10.75
CA ASN A 183 4.62 -18.55 10.56
C ASN A 183 5.35 -19.16 9.38
N ILE A 184 5.77 -20.41 9.57
CA ILE A 184 6.52 -21.17 8.58
C ILE A 184 5.61 -22.10 7.82
N ILE A 185 5.40 -21.79 6.53
CA ILE A 185 4.54 -22.61 5.69
C ILE A 185 5.35 -23.56 4.80
N THR A 186 5.10 -24.86 4.95
CA THR A 186 5.82 -25.84 4.14
C THR A 186 4.97 -26.20 2.93
N ASN A 187 5.61 -26.79 1.94
CA ASN A 187 4.92 -27.20 0.72
C ASN A 187 4.37 -28.61 0.88
N ILE A 188 4.14 -29.02 2.12
CA ILE A 188 3.57 -30.34 2.41
C ILE A 188 2.05 -30.26 2.34
N LYS A 189 1.48 -30.86 1.30
CA LYS A 189 0.03 -30.85 1.12
C LYS A 189 -0.62 -31.96 1.92
N THR A 194 -0.32 -36.21 4.65
CA THR A 194 -0.05 -36.13 6.08
C THR A 194 -0.86 -37.20 6.80
N PHE A 195 -0.86 -37.15 8.14
CA PHE A 195 -1.61 -38.11 8.95
C PHE A 195 -1.34 -38.00 10.45
N LYS A 196 -2.38 -37.76 11.24
CA LYS A 196 -2.27 -37.64 12.69
C LYS A 196 -3.58 -37.20 13.32
N THR A 200 2.15 -35.68 18.82
CA THR A 200 3.34 -34.85 18.83
C THR A 200 4.24 -35.16 17.63
N ILE A 201 4.17 -34.30 16.62
CA ILE A 201 4.96 -34.46 15.41
C ILE A 201 6.40 -33.99 15.67
N ILE A 203 9.49 -32.45 13.71
CA ILE A 203 9.98 -31.89 12.46
C ILE A 203 11.46 -31.50 12.46
N LYS A 204 12.16 -31.94 11.41
CA LYS A 204 13.57 -31.66 11.26
C LYS A 204 13.76 -30.62 10.13
N ILE A 205 14.56 -29.60 10.40
CA ILE A 205 14.82 -28.56 9.40
C ILE A 205 16.29 -28.51 9.02
N ARG A 206 16.55 -28.34 7.73
CA ARG A 206 17.91 -28.23 7.24
C ARG A 206 18.02 -26.82 6.67
N HIS A 207 18.72 -25.95 7.40
CA HIS A 207 18.89 -24.57 6.98
C HIS A 207 19.82 -24.54 5.78
N LYS A 208 20.06 -23.36 5.23
CA LYS A 208 20.93 -23.21 4.07
C LYS A 208 22.38 -23.64 4.31
N ASN A 209 22.98 -23.09 5.36
CA ASN A 209 24.37 -23.39 5.70
C ASN A 209 24.66 -24.86 5.93
N GLY A 210 23.61 -25.63 6.25
CA GLY A 210 23.81 -27.05 6.50
C GLY A 210 23.41 -27.44 7.91
N ILE A 211 23.30 -26.45 8.80
CA ILE A 211 22.91 -26.74 10.18
C ILE A 211 21.50 -27.31 10.20
N GLU A 212 21.28 -28.32 11.04
CA GLU A 212 19.98 -28.93 11.14
C GLU A 212 19.38 -28.71 12.52
N LYS A 213 18.08 -28.42 12.56
CA LYS A 213 17.37 -28.19 13.81
C LYS A 213 16.25 -29.22 13.90
N ILE A 214 15.92 -29.64 15.13
CA ILE A 214 14.86 -30.62 15.33
C ILE A 214 13.94 -30.13 16.43
N ILE A 215 12.67 -29.95 16.09
CA ILE A 215 11.69 -29.47 17.04
C ILE A 215 10.50 -30.42 17.15
N LYS A 216 9.70 -30.24 18.20
CA LYS A 216 8.52 -31.06 18.42
C LYS A 216 7.26 -30.22 18.30
N CYS A 217 6.39 -30.60 17.36
CA CYS A 217 5.14 -29.86 17.15
C CYS A 217 3.90 -30.64 17.56
N LYS A 218 2.90 -29.91 18.06
CA LYS A 218 1.65 -30.54 18.43
C LYS A 218 0.68 -30.26 17.28
N PHE A 219 0.46 -31.26 16.43
CA PHE A 219 -0.44 -31.10 15.30
C PHE A 219 -1.84 -30.79 15.83
N VAL A 220 -2.37 -29.64 15.42
CA VAL A 220 -3.69 -29.21 15.89
C VAL A 220 -4.58 -28.70 14.78
N LYS A 221 -5.64 -28.00 15.17
CA LYS A 221 -6.59 -27.45 14.22
C LYS A 221 -6.61 -25.91 14.20
N SER A 222 -6.45 -25.29 15.37
CA SER A 222 -6.46 -23.83 15.45
C SER A 222 -5.17 -23.26 16.02
N TYR A 223 -4.99 -21.95 15.86
CA TYR A 223 -3.80 -21.27 16.34
C TYR A 223 -3.83 -21.10 17.84
N PHE A 224 -5.02 -21.17 18.42
CA PHE A 224 -5.18 -20.99 19.87
C PHE A 224 -4.76 -22.19 20.69
N GLU A 225 -5.00 -23.39 20.17
CA GLU A 225 -4.65 -24.62 20.88
C GLU A 225 -3.15 -24.83 21.11
N GLU A 226 -2.81 -25.44 22.25
CA GLU A 226 -1.43 -25.75 22.61
C GLU A 226 -0.50 -24.54 22.64
N LYS A 227 -0.93 -23.48 23.31
CA LYS A 227 -0.14 -22.24 23.38
C LYS A 227 1.29 -22.33 23.93
N ASN A 228 1.53 -23.24 24.87
CA ASN A 228 2.86 -23.37 25.49
C ASN A 228 4.01 -23.78 24.57
N ASN A 229 3.72 -24.66 23.60
CA ASN A 229 4.74 -25.14 22.66
C ASN A 229 4.43 -24.90 21.17
N PHE A 230 5.39 -25.22 20.31
CA PHE A 230 5.23 -25.04 18.87
C PHE A 230 4.10 -25.90 18.35
N ILE A 231 3.40 -25.40 17.34
CA ILE A 231 2.28 -26.12 16.74
C ILE A 231 2.35 -26.09 15.23
N CYS A 232 1.88 -27.15 14.60
CA CYS A 232 1.84 -27.18 13.15
C CYS A 232 0.37 -27.42 12.77
N LEU A 233 -0.03 -27.02 11.57
CA LEU A 233 -1.41 -27.19 11.14
C LEU A 233 -1.58 -26.90 9.66
N ILE A 234 -2.77 -27.23 9.14
CA ILE A 234 -3.04 -26.95 7.73
C ILE A 234 -3.73 -25.60 7.68
N ASN A 235 -3.15 -24.65 6.96
CA ASN A 235 -3.70 -23.32 6.86
C ASN A 235 -4.71 -23.17 5.71
N SER A 236 -5.34 -22.00 5.67
CA SER A 236 -6.33 -21.67 4.67
C SER A 236 -5.97 -22.09 3.25
N GLU A 237 -4.68 -22.08 2.92
CA GLU A 237 -4.24 -22.46 1.58
C GLU A 237 -4.06 -23.98 1.41
N GLY A 238 -4.17 -24.72 2.51
CA GLY A 238 -4.03 -26.17 2.46
C GLY A 238 -2.64 -26.77 2.67
N PHE A 239 -1.71 -26.00 3.23
CA PHE A 239 -0.37 -26.52 3.47
C PHE A 239 -0.08 -26.68 4.96
N LEU A 240 0.85 -27.57 5.30
CA LEU A 240 1.23 -27.78 6.70
C LEU A 240 2.05 -26.57 7.13
N GLU A 241 1.63 -25.93 8.21
CA GLU A 241 2.28 -24.71 8.70
C GLU A 241 2.72 -24.79 10.17
N ILE A 242 3.90 -24.24 10.47
CA ILE A 242 4.45 -24.24 11.83
C ILE A 242 4.28 -22.84 12.42
N SER A 243 3.86 -22.79 13.68
CA SER A 243 3.65 -21.50 14.35
C SER A 243 3.89 -21.59 15.84
N LYS A 244 3.86 -20.44 16.51
CA LYS A 244 4.04 -20.37 17.95
C LYS A 244 3.13 -19.25 18.42
N PHE A 245 2.24 -19.56 19.37
CA PHE A 245 1.28 -18.59 19.89
C PHE A 245 1.85 -17.20 20.11
N ASP A 247 3.78 -15.40 18.80
CA ASP A 247 5.21 -15.19 18.59
C ASP A 247 5.59 -15.42 17.12
N ASN A 248 6.88 -15.29 16.81
CA ASN A 248 7.39 -15.45 15.45
C ASN A 248 8.27 -16.70 15.32
N ALA A 249 7.66 -17.82 14.93
CA ALA A 249 8.40 -19.07 14.78
C ALA A 249 9.60 -18.92 13.87
N SER A 250 9.41 -18.22 12.75
CA SER A 250 10.48 -18.00 11.79
C SER A 250 11.75 -17.43 12.42
N LYS A 251 11.58 -16.51 13.36
CA LYS A 251 12.72 -15.90 14.02
C LYS A 251 13.21 -16.80 15.13
N LEU A 252 12.29 -17.39 15.88
CA LEU A 252 12.66 -18.28 16.97
C LEU A 252 13.47 -19.47 16.47
N LEU A 253 13.20 -19.93 15.25
CA LEU A 253 13.91 -21.07 14.69
C LEU A 253 14.95 -20.71 13.65
N ASN A 254 14.95 -19.44 13.26
CA ASN A 254 15.88 -18.93 12.25
C ASN A 254 15.70 -19.61 10.91
N VAL A 255 14.44 -19.90 10.57
CA VAL A 255 14.09 -20.56 9.32
C VAL A 255 13.79 -19.56 8.19
N ASP A 256 14.30 -19.87 7.01
CA ASP A 256 14.08 -18.99 5.88
C ASP A 256 13.55 -19.80 4.69
N TYR A 257 13.22 -19.09 3.62
CA TYR A 257 12.73 -19.72 2.43
C TYR A 257 13.66 -20.82 1.94
N LEU A 258 13.08 -21.91 1.46
CA LEU A 258 13.80 -23.04 0.90
C LEU A 258 14.50 -24.02 1.85
N ASP A 259 14.36 -23.83 3.17
CA ASP A 259 14.96 -24.76 4.11
C ASP A 259 14.22 -26.10 3.98
N GLU A 260 14.99 -27.19 3.95
CA GLU A 260 14.40 -28.52 3.82
C GLU A 260 13.66 -28.95 5.06
N ILE A 261 12.52 -29.59 4.82
CA ILE A 261 11.67 -30.07 5.90
C ILE A 261 11.64 -31.59 5.82
N GLU A 262 11.58 -32.23 6.98
CA GLU A 262 11.52 -33.67 7.06
C GLU A 262 10.74 -34.02 8.31
N ILE A 263 9.58 -34.65 8.13
CA ILE A 263 8.76 -35.05 9.26
C ILE A 263 9.15 -36.48 9.62
N GLU A 264 9.07 -36.81 10.90
CA GLU A 264 9.45 -38.14 11.35
C GLU A 264 8.91 -38.47 12.74
N ILE B 11 -28.64 4.91 -5.71
CA ILE B 11 -27.83 3.92 -6.50
C ILE B 11 -26.41 3.69 -5.94
N LEU B 12 -26.18 2.49 -5.41
CA LEU B 12 -24.88 2.15 -4.82
C LEU B 12 -23.81 2.00 -5.91
N ASP B 13 -22.75 2.81 -5.76
CA ASP B 13 -21.68 2.86 -6.75
C ASP B 13 -20.30 2.49 -6.26
N ILE B 14 -20.05 2.65 -4.97
CA ILE B 14 -18.74 2.39 -4.40
C ILE B 14 -18.69 1.33 -3.31
N ILE B 15 -17.66 0.50 -3.35
CA ILE B 15 -17.46 -0.50 -2.31
C ILE B 15 -16.01 -0.33 -1.80
N THR B 16 -15.85 -0.17 -0.49
CA THR B 16 -14.54 0.03 0.07
C THR B 16 -14.12 -1.14 0.94
N LEU B 17 -12.80 -1.32 1.06
CA LEU B 17 -12.25 -2.41 1.85
C LEU B 17 -11.30 -1.91 2.91
N THR B 18 -11.45 -2.44 4.11
CA THR B 18 -10.60 -2.09 5.23
C THR B 18 -10.36 -3.35 6.01
N THR B 19 -9.11 -3.83 6.01
CA THR B 19 -8.74 -5.06 6.69
C THR B 19 -7.45 -4.92 7.46
N ASP B 20 -7.10 -5.99 8.16
CA ASP B 20 -5.88 -6.07 8.92
C ASP B 20 -5.10 -7.26 8.33
N PHE B 21 -5.29 -7.51 7.04
CA PHE B 21 -4.65 -8.61 6.33
C PHE B 21 -3.18 -8.37 5.97
N GLY B 22 -2.88 -7.12 5.62
CA GLY B 22 -1.53 -6.76 5.22
C GLY B 22 -1.44 -7.00 3.73
N THR B 23 -0.27 -6.75 3.15
CA THR B 23 -0.08 -6.97 1.72
C THR B 23 1.02 -8.00 1.48
N ASN B 24 1.54 -8.56 2.57
CA ASN B 24 2.58 -9.57 2.47
C ASN B 24 1.93 -10.84 1.91
N GLU B 25 0.63 -10.99 2.17
CA GLU B 25 -0.13 -12.14 1.70
C GLU B 25 -0.98 -11.73 0.51
N GLY B 26 -1.78 -12.66 -0.01
CA GLY B 26 -2.63 -12.37 -1.15
C GLY B 26 -4.10 -12.38 -0.83
N TYR B 27 -4.43 -12.35 0.46
CA TYR B 27 -5.81 -12.37 0.91
C TYR B 27 -6.62 -11.22 0.32
N VAL B 28 -6.11 -10.00 0.49
CA VAL B 28 -6.76 -8.81 -0.04
C VAL B 28 -7.07 -8.97 -1.52
N GLY B 29 -6.07 -9.45 -2.27
CA GLY B 29 -6.26 -9.64 -3.69
C GLY B 29 -7.38 -10.63 -3.97
N ALA B 30 -7.46 -11.68 -3.16
CA ALA B 30 -8.49 -12.69 -3.33
C ALA B 30 -9.86 -12.03 -3.16
N LYS B 32 -10.73 -8.93 -3.54
CA LYS B 32 -11.06 -8.10 -4.69
C LYS B 32 -11.54 -8.99 -5.83
N GLY B 33 -10.90 -10.15 -5.98
CA GLY B 33 -11.25 -11.09 -7.03
C GLY B 33 -12.67 -11.62 -6.87
N ARG B 34 -13.00 -12.09 -5.67
CA ARG B 34 -14.33 -12.59 -5.40
C ARG B 34 -15.33 -11.52 -5.81
N ILE B 35 -15.32 -10.41 -5.09
CA ILE B 35 -16.20 -9.27 -5.36
C ILE B 35 -16.29 -9.01 -6.87
N LEU B 36 -15.13 -8.84 -7.49
CA LEU B 36 -15.04 -8.54 -8.89
C LEU B 36 -15.73 -9.58 -9.76
N ASN B 37 -15.65 -10.83 -9.33
CA ASN B 37 -16.25 -11.94 -10.06
C ASN B 37 -17.78 -11.80 -10.02
N ILE B 38 -18.33 -11.76 -8.81
CA ILE B 38 -19.77 -11.61 -8.62
C ILE B 38 -20.32 -10.46 -9.44
N LEU B 39 -19.68 -9.29 -9.31
CA LEU B 39 -20.09 -8.09 -10.03
C LEU B 39 -20.16 -8.28 -11.54
N LYS B 40 -19.17 -8.96 -12.12
CA LYS B 40 -19.15 -9.18 -13.56
C LYS B 40 -20.22 -10.19 -13.98
N LYS B 41 -20.60 -11.08 -13.07
CA LYS B 41 -21.59 -12.10 -13.37
C LYS B 41 -23.01 -11.52 -13.45
N TYR B 42 -23.19 -10.35 -12.84
CA TYR B 42 -24.49 -9.69 -12.84
C TYR B 42 -24.37 -8.37 -13.59
N ASN B 43 -23.26 -8.22 -14.31
CA ASN B 43 -23.01 -7.02 -15.08
C ASN B 43 -23.25 -5.74 -14.26
N LYS B 44 -22.67 -5.69 -13.06
CA LYS B 44 -22.81 -4.54 -12.18
C LYS B 44 -21.50 -3.78 -12.09
N ASP B 45 -21.47 -2.55 -12.59
CA ASP B 45 -20.27 -1.74 -12.54
C ASP B 45 -20.17 -1.01 -11.20
N ALA B 46 -19.01 -1.13 -10.56
CA ALA B 46 -18.78 -0.49 -9.28
C ALA B 46 -17.29 -0.26 -9.12
N LYS B 47 -16.94 0.67 -8.24
CA LYS B 47 -15.55 0.97 -7.99
C LYS B 47 -15.15 0.37 -6.66
N ILE B 48 -13.99 -0.26 -6.64
CA ILE B 48 -13.46 -0.85 -5.43
C ILE B 48 -12.41 0.12 -4.91
N ILE B 49 -12.59 0.57 -3.67
CA ILE B 49 -11.66 1.51 -3.08
C ILE B 49 -11.06 0.96 -1.79
N ASP B 50 -9.74 1.11 -1.69
CA ASP B 50 -8.99 0.69 -0.52
C ASP B 50 -8.91 1.83 0.48
N ILE B 51 -9.26 1.58 1.73
CA ILE B 51 -9.15 2.60 2.74
C ILE B 51 -7.81 2.30 3.40
N SER B 52 -7.67 1.07 3.86
CA SER B 52 -6.44 0.63 4.50
C SER B 52 -6.41 -0.86 4.80
N HIS B 53 -5.26 -1.48 4.57
CA HIS B 53 -5.08 -2.89 4.84
C HIS B 53 -3.95 -3.04 5.84
N GLU B 54 -3.66 -1.93 6.51
CA GLU B 54 -2.60 -1.91 7.49
C GLU B 54 -3.11 -1.74 8.90
N ILE B 55 -4.38 -2.07 9.13
CA ILE B 55 -4.90 -1.99 10.48
C ILE B 55 -4.11 -3.01 11.26
N LYS B 56 -3.64 -2.63 12.44
CA LYS B 56 -2.87 -3.54 13.27
C LYS B 56 -3.65 -4.82 13.56
N PRO B 57 -3.04 -5.98 13.25
CA PRO B 57 -3.65 -7.30 13.45
C PRO B 57 -4.56 -7.44 14.67
N PHE B 58 -5.84 -7.68 14.42
CA PHE B 58 -6.83 -7.90 15.48
C PHE B 58 -7.31 -6.66 16.23
N ASN B 59 -6.74 -5.50 15.96
CA ASN B 59 -7.12 -4.28 16.68
C ASN B 59 -8.40 -3.65 16.09
N ILE B 60 -9.53 -3.86 16.76
CA ILE B 60 -10.79 -3.29 16.27
C ILE B 60 -10.87 -1.79 16.54
N TYR B 61 -10.13 -1.34 17.55
CA TYR B 61 -10.10 0.07 17.89
C TYR B 61 -9.39 0.84 16.80
N HIS B 62 -8.25 0.31 16.38
CA HIS B 62 -7.50 0.95 15.31
C HIS B 62 -8.44 1.00 14.11
N GLY B 63 -9.01 -0.15 13.75
CA GLY B 63 -9.92 -0.21 12.62
C GLY B 63 -11.09 0.77 12.77
N ALA B 64 -11.69 0.78 13.95
CA ALA B 64 -12.81 1.67 14.23
C ALA B 64 -12.44 3.11 13.94
N TYR B 65 -11.24 3.51 14.38
CA TYR B 65 -10.77 4.89 14.19
C TYR B 65 -10.50 5.25 12.73
N VAL B 66 -9.99 4.32 11.95
CA VAL B 66 -9.74 4.62 10.55
C VAL B 66 -11.09 4.72 9.81
N LEU B 67 -12.05 3.88 10.18
CA LEU B 67 -13.35 3.92 9.51
C LEU B 67 -14.04 5.25 9.78
N LEU B 68 -13.93 5.72 11.02
CA LEU B 68 -14.53 6.99 11.42
C LEU B 68 -13.92 8.17 10.66
N THR B 69 -12.66 8.04 10.29
CA THR B 69 -11.95 9.10 9.59
C THR B 69 -12.23 9.15 8.09
N ALA B 70 -12.42 8.00 7.47
CA ALA B 70 -12.62 7.94 6.03
C ALA B 70 -14.04 7.90 5.47
N ILE B 71 -14.88 7.03 6.01
CA ILE B 71 -16.22 6.84 5.49
C ILE B 71 -17.12 8.05 5.25
N PRO B 72 -17.32 8.89 6.29
CA PRO B 72 -18.17 10.07 6.15
C PRO B 72 -17.88 10.98 4.97
N TYR B 73 -16.72 10.82 4.34
CA TYR B 73 -16.37 11.68 3.19
C TYR B 73 -16.78 11.09 1.86
N PHE B 74 -17.19 9.83 1.88
CA PHE B 74 -17.63 9.17 0.67
C PHE B 74 -19.11 9.45 0.45
N PRO B 75 -19.58 9.35 -0.80
CA PRO B 75 -21.00 9.59 -0.99
C PRO B 75 -21.61 8.26 -0.53
N PRO B 76 -22.95 8.13 -0.57
CA PRO B 76 -23.57 6.86 -0.14
C PRO B 76 -22.91 5.68 -0.88
N SER B 77 -22.52 4.66 -0.12
CA SER B 77 -21.84 3.54 -0.73
C SER B 77 -21.73 2.37 0.22
N VAL B 78 -21.03 1.33 -0.23
CA VAL B 78 -20.84 0.11 0.57
C VAL B 78 -19.43 0.00 1.18
N HIS B 79 -19.36 -0.35 2.46
CA HIS B 79 -18.07 -0.44 3.14
C HIS B 79 -17.81 -1.72 3.88
N VAL B 80 -16.92 -2.53 3.30
CA VAL B 80 -16.56 -3.82 3.90
C VAL B 80 -15.34 -3.63 4.81
N ALA B 81 -15.47 -4.08 6.05
CA ALA B 81 -14.39 -3.98 7.01
C ALA B 81 -14.23 -5.32 7.69
N VAL B 82 -13.09 -5.97 7.47
CA VAL B 82 -12.81 -7.27 8.03
C VAL B 82 -11.66 -7.24 9.04
N ILE B 83 -12.02 -7.21 10.33
CA ILE B 83 -11.03 -7.20 11.41
C ILE B 83 -11.70 -7.85 12.62
N ASP B 84 -11.25 -9.06 12.97
CA ASP B 84 -11.85 -9.73 14.10
C ASP B 84 -10.94 -10.79 14.70
N PRO B 85 -10.51 -10.59 15.96
CA PRO B 85 -9.61 -11.50 16.68
C PRO B 85 -10.22 -12.88 16.97
N THR B 86 -10.67 -13.56 15.93
CA THR B 86 -11.29 -14.88 16.06
C THR B 86 -11.17 -15.67 14.74
N ARG B 91 -18.10 -15.87 14.66
CA ARG B 91 -19.20 -15.52 15.57
C ARG B 91 -20.22 -14.60 14.89
N LYS B 92 -20.65 -13.54 15.60
CA LYS B 92 -21.62 -12.59 15.07
C LYS B 92 -21.09 -11.68 13.96
N SER B 93 -21.90 -11.47 12.92
CA SER B 93 -21.53 -10.61 11.80
C SER B 93 -22.78 -9.95 11.22
N ILE B 94 -22.69 -8.65 10.95
CA ILE B 94 -23.85 -7.89 10.47
C ILE B 94 -23.68 -7.02 9.24
N VAL B 95 -24.79 -6.41 8.84
CA VAL B 95 -24.85 -5.49 7.71
C VAL B 95 -25.60 -4.32 8.32
N ILE B 96 -25.00 -3.14 8.35
CA ILE B 96 -25.68 -1.99 8.93
C ILE B 96 -26.14 -1.00 7.85
N GLU B 97 -27.33 -0.44 8.07
CA GLU B 97 -27.89 0.53 7.15
C GLU B 97 -27.93 1.86 7.89
N THR B 98 -27.41 2.89 7.25
CA THR B 98 -27.35 4.22 7.81
C THR B 98 -28.54 5.06 7.36
N LYS B 99 -28.86 6.09 8.13
CA LYS B 99 -29.96 6.97 7.79
C LYS B 99 -29.86 7.45 6.34
N SER B 100 -28.68 7.93 5.94
CA SER B 100 -28.49 8.40 4.57
C SER B 100 -28.30 7.31 3.52
N GLY B 101 -28.37 6.05 3.93
CA GLY B 101 -28.23 4.96 2.98
C GLY B 101 -26.83 4.42 2.74
N TYR B 102 -26.03 4.30 3.80
CA TYR B 102 -24.69 3.75 3.69
C TYR B 102 -24.77 2.31 4.19
N TYR B 103 -24.04 1.40 3.55
CA TYR B 103 -24.05 0.01 4.00
C TYR B 103 -22.68 -0.41 4.57
N LEU B 104 -22.69 -0.86 5.81
CA LEU B 104 -21.49 -1.29 6.51
C LEU B 104 -21.42 -2.80 6.72
N VAL B 105 -20.66 -3.49 5.89
CA VAL B 105 -20.53 -4.95 6.00
C VAL B 105 -19.37 -5.32 6.94
N GLY B 106 -19.57 -6.33 7.76
CA GLY B 106 -18.51 -6.74 8.67
C GLY B 106 -18.99 -7.42 9.93
N PRO B 107 -18.06 -7.86 10.79
CA PRO B 107 -18.36 -8.53 12.05
C PRO B 107 -19.07 -7.63 13.04
N ASP B 108 -19.66 -8.25 14.07
CA ASP B 108 -20.39 -7.54 15.10
C ASP B 108 -19.58 -7.53 16.39
N ASN B 109 -18.52 -6.72 16.42
CA ASN B 109 -17.67 -6.66 17.61
C ASN B 109 -17.30 -5.25 18.06
N GLY B 110 -17.93 -4.24 17.45
CA GLY B 110 -17.67 -2.85 17.82
C GLY B 110 -16.97 -2.04 16.74
N LEU B 111 -16.38 -2.75 15.78
CA LEU B 111 -15.64 -2.13 14.69
C LEU B 111 -16.32 -0.87 14.16
N PHE B 112 -17.61 -0.97 13.89
CA PHE B 112 -18.36 0.15 13.34
C PHE B 112 -18.95 1.12 14.36
N THR B 113 -18.70 0.90 15.65
CA THR B 113 -19.26 1.77 16.67
C THR B 113 -19.27 3.26 16.35
N TYR B 114 -18.10 3.84 16.17
CA TYR B 114 -18.01 5.29 15.91
C TYR B 114 -18.63 5.68 14.57
N VAL B 115 -18.27 4.96 13.52
CA VAL B 115 -18.78 5.29 12.21
C VAL B 115 -20.31 5.17 12.17
N ALA B 116 -20.85 4.24 12.98
CA ALA B 116 -22.29 4.00 13.08
C ALA B 116 -23.00 5.20 13.69
N GLU B 117 -22.53 5.61 14.87
CA GLU B 117 -23.11 6.76 15.54
C GLU B 117 -23.07 7.98 14.63
N LYS B 118 -21.88 8.28 14.12
CA LYS B 118 -21.70 9.43 13.24
C LYS B 118 -22.76 9.55 12.15
N LEU B 119 -22.90 8.50 11.34
CA LEU B 119 -23.86 8.50 10.24
C LEU B 119 -25.29 8.09 10.60
N GLY B 120 -25.50 7.61 11.83
CA GLY B 120 -26.83 7.22 12.24
C GLY B 120 -27.28 5.83 11.82
N ILE B 121 -27.76 5.05 12.79
CA ILE B 121 -28.22 3.69 12.54
C ILE B 121 -29.70 3.65 12.15
N LYS B 122 -29.97 3.11 10.96
CA LYS B 122 -31.34 3.01 10.46
C LYS B 122 -31.90 1.60 10.66
N ARG B 123 -31.06 0.60 10.41
CA ARG B 123 -31.45 -0.79 10.57
C ARG B 123 -30.23 -1.70 10.61
N ILE B 124 -30.30 -2.69 11.49
CA ILE B 124 -29.23 -3.66 11.67
C ILE B 124 -29.74 -5.02 11.21
N ILE B 125 -29.17 -5.53 10.12
CA ILE B 125 -29.58 -6.80 9.56
C ILE B 125 -28.51 -7.87 9.76
N LYS B 126 -28.90 -8.99 10.36
CA LYS B 126 -27.98 -10.09 10.61
C LYS B 126 -27.69 -10.89 9.34
N ILE B 127 -26.41 -11.15 9.08
CA ILE B 127 -26.00 -11.93 7.92
C ILE B 127 -26.17 -13.39 8.28
N ASP B 128 -26.87 -14.13 7.42
CA ASP B 128 -27.11 -15.56 7.66
C ASP B 128 -26.21 -16.45 6.83
N GLU B 129 -25.83 -17.58 7.41
CA GLU B 129 -24.99 -18.57 6.74
C GLU B 129 -25.69 -19.27 5.58
N GLU B 130 -25.83 -18.57 4.47
CA GLU B 130 -26.46 -19.09 3.27
C GLU B 130 -25.35 -18.96 2.25
N ARG B 131 -24.13 -19.22 2.70
CA ARG B 131 -22.95 -19.12 1.85
C ARG B 131 -22.20 -20.45 1.79
N ARG B 141 -15.25 -15.69 6.47
CA ARG B 141 -14.28 -14.73 5.95
C ARG B 141 -14.73 -14.14 4.62
N ASP B 142 -14.74 -14.98 3.58
CA ASP B 142 -15.14 -14.56 2.24
C ASP B 142 -16.62 -14.25 2.14
N VAL B 143 -17.31 -14.35 3.28
CA VAL B 143 -18.72 -14.05 3.35
C VAL B 143 -18.87 -12.56 3.11
N TYR B 144 -18.12 -11.78 3.89
CA TYR B 144 -18.15 -10.32 3.80
C TYR B 144 -18.01 -9.80 2.38
N ALA B 145 -17.06 -10.32 1.63
CA ALA B 145 -16.84 -9.88 0.26
C ALA B 145 -18.09 -10.09 -0.58
N VAL B 146 -18.63 -11.31 -0.53
CA VAL B 146 -19.82 -11.66 -1.28
C VAL B 146 -21.01 -10.76 -0.90
N VAL B 147 -21.30 -10.70 0.39
CA VAL B 147 -22.38 -9.86 0.89
C VAL B 147 -22.27 -8.43 0.37
N GLY B 148 -21.04 -7.90 0.35
CA GLY B 148 -20.83 -6.54 -0.11
C GLY B 148 -21.20 -6.38 -1.57
N ALA B 149 -20.75 -7.32 -2.40
CA ALA B 149 -21.04 -7.29 -3.82
C ALA B 149 -22.54 -7.42 -4.02
N GLU B 150 -23.16 -8.33 -3.28
CA GLU B 150 -24.60 -8.56 -3.38
C GLU B 150 -25.36 -7.25 -3.18
N ILE B 151 -24.98 -6.51 -2.15
CA ILE B 151 -25.62 -5.25 -1.87
C ILE B 151 -25.47 -4.26 -3.04
N LEU B 152 -24.39 -4.37 -3.79
CA LEU B 152 -24.19 -3.46 -4.93
C LEU B 152 -25.16 -3.76 -6.06
N ILE B 153 -25.27 -5.05 -6.40
CA ILE B 153 -26.14 -5.49 -7.47
C ILE B 153 -27.61 -5.25 -7.13
N ASN B 154 -28.03 -5.71 -5.96
CA ASN B 154 -29.41 -5.55 -5.53
C ASN B 154 -29.65 -4.15 -4.99
N ASN B 155 -28.59 -3.36 -4.94
CA ASN B 155 -28.63 -1.99 -4.44
C ASN B 155 -29.28 -1.95 -3.06
N GLY B 156 -28.96 -2.91 -2.22
CA GLY B 156 -29.52 -2.93 -0.89
C GLY B 156 -29.40 -4.33 -0.32
N TYR B 157 -29.86 -4.53 0.91
CA TYR B 157 -29.79 -5.84 1.53
C TYR B 157 -31.01 -6.04 2.42
N ASP B 158 -31.49 -7.29 2.49
CA ASP B 158 -32.64 -7.62 3.31
C ASP B 158 -32.30 -8.83 4.17
N GLY B 159 -32.95 -8.94 5.33
CA GLY B 159 -32.68 -10.07 6.21
C GLY B 159 -33.28 -9.85 7.60
N GLU B 160 -32.85 -10.66 8.55
CA GLU B 160 -33.37 -10.54 9.91
C GLU B 160 -32.88 -9.28 10.60
N GLU B 161 -33.80 -8.39 10.93
CA GLU B 161 -33.44 -7.16 11.62
C GLU B 161 -32.98 -7.58 13.01
N LEU B 162 -32.00 -6.87 13.55
CA LEU B 162 -31.48 -7.18 14.88
C LEU B 162 -31.78 -6.03 15.83
N ASP B 163 -31.84 -6.35 17.14
CA ASP B 163 -32.12 -5.36 18.17
C ASP B 163 -31.00 -4.34 18.31
N GLU B 164 -29.88 -4.77 18.88
CA GLU B 164 -28.73 -3.91 19.10
C GLU B 164 -27.51 -4.43 18.36
N VAL B 166 -22.89 -4.85 19.12
CA VAL B 166 -21.81 -4.71 20.10
C VAL B 166 -21.23 -3.33 19.91
N LYS B 167 -21.03 -2.60 21.00
CA LYS B 167 -20.50 -1.24 20.91
C LYS B 167 -19.33 -0.95 21.83
N ILE B 168 -18.33 -0.28 21.28
CA ILE B 168 -17.15 0.09 22.06
C ILE B 168 -17.58 1.07 23.14
N ASP B 169 -17.36 0.70 24.40
CA ASP B 169 -17.74 1.58 25.51
C ASP B 169 -17.05 2.92 25.36
N GLU B 170 -17.84 3.98 25.19
CA GLU B 170 -17.28 5.31 25.02
C GLU B 170 -17.44 6.20 26.26
N THR B 171 -17.81 5.60 27.38
CA THR B 171 -18.01 6.37 28.61
C THR B 171 -16.74 6.53 29.41
N LYS B 172 -15.89 5.52 29.36
CA LYS B 172 -14.63 5.54 30.09
C LYS B 172 -13.51 6.08 29.19
N LYS B 173 -12.84 7.14 29.66
CA LYS B 173 -11.75 7.76 28.91
C LYS B 173 -10.50 6.89 28.81
N ARG B 174 -10.01 6.70 27.59
CA ARG B 174 -8.84 5.88 27.38
C ARG B 174 -8.14 6.21 26.08
N VAL B 175 -7.03 5.54 25.82
CA VAL B 175 -6.27 5.76 24.61
C VAL B 175 -7.05 5.13 23.46
N ILE B 176 -7.56 6.02 22.60
CA ILE B 176 -8.39 5.71 21.45
C ILE B 176 -7.57 5.06 20.31
N HIS B 177 -6.47 5.69 19.94
CA HIS B 177 -5.67 5.25 18.81
C HIS B 177 -4.23 5.78 18.90
N ILE B 178 -3.31 5.15 18.18
CA ILE B 178 -1.93 5.63 18.17
C ILE B 178 -1.46 5.83 16.74
N ASP B 179 -0.93 7.03 16.50
CA ASP B 179 -0.41 7.47 15.19
C ASP B 179 0.74 6.68 14.62
N ARG B 180 1.07 7.01 13.38
CA ARG B 180 2.19 6.42 12.69
C ARG B 180 3.43 7.06 13.36
N PHE B 181 3.27 8.28 13.88
CA PHE B 181 4.32 9.05 14.57
C PHE B 181 4.42 8.66 16.04
N GLY B 182 3.43 7.94 16.53
CA GLY B 182 3.41 7.57 17.94
C GLY B 182 2.59 8.53 18.79
N ASN B 183 1.80 9.40 18.15
CA ASN B 183 0.96 10.34 18.91
C ASN B 183 -0.16 9.55 19.61
N ILE B 184 -0.47 9.95 20.84
CA ILE B 184 -1.49 9.27 21.63
C ILE B 184 -2.86 9.94 21.52
N ILE B 185 -3.74 9.35 20.71
CA ILE B 185 -5.07 9.91 20.54
C ILE B 185 -6.01 9.42 21.62
N THR B 186 -6.68 10.36 22.27
CA THR B 186 -7.59 10.06 23.36
C THR B 186 -9.08 10.02 22.99
N ASN B 187 -9.89 9.62 23.97
CA ASN B 187 -11.35 9.54 23.83
C ASN B 187 -11.90 10.96 23.82
N ILE B 188 -11.57 11.68 24.87
CA ILE B 188 -11.95 13.06 25.11
C ILE B 188 -12.07 13.94 23.87
N LYS B 189 -13.28 14.42 23.62
CA LYS B 189 -13.54 15.31 22.48
C LYS B 189 -13.39 16.76 22.91
N LYS B 190 -13.23 17.64 21.92
CA LYS B 190 -13.06 19.06 22.18
C LYS B 190 -14.16 19.62 23.08
N ASP B 191 -15.40 19.20 22.83
CA ASP B 191 -16.55 19.65 23.59
C ASP B 191 -16.53 19.19 25.05
N GLU B 192 -15.49 18.46 25.45
CA GLU B 192 -15.41 17.98 26.82
C GLU B 192 -14.23 18.56 27.59
N VAL B 193 -13.42 19.36 26.91
CA VAL B 193 -12.23 19.93 27.55
C VAL B 193 -12.22 21.45 27.69
N THR B 194 -12.13 21.91 28.92
CA THR B 194 -12.09 23.34 29.22
C THR B 194 -10.95 24.04 28.48
N TYR B 197 -6.16 27.22 26.60
CA TYR B 197 -5.02 27.23 25.70
C TYR B 197 -3.75 27.71 26.37
N TYR B 198 -2.65 27.03 26.06
CA TYR B 198 -1.34 27.35 26.60
C TYR B 198 -1.30 27.14 28.11
N ASP B 199 -2.31 26.44 28.61
CA ASP B 199 -2.39 26.11 30.02
C ASP B 199 -1.61 24.82 30.24
N THR B 200 -1.32 24.48 31.49
CA THR B 200 -0.61 23.25 31.77
C THR B 200 -1.55 22.22 32.34
N ILE B 201 -1.79 21.17 31.56
CA ILE B 201 -2.68 20.08 31.96
C ILE B 201 -1.85 18.96 32.57
N ILE B 203 -1.96 15.09 32.85
CA ILE B 203 -2.59 13.85 32.39
C ILE B 203 -2.07 12.59 33.09
N LYS B 204 -2.98 11.83 33.67
CA LYS B 204 -2.62 10.58 34.34
C LYS B 204 -2.96 9.41 33.39
N ILE B 205 -2.02 8.49 33.25
CA ILE B 205 -2.19 7.34 32.37
C ILE B 205 -1.89 6.03 33.09
N ARG B 206 -2.88 5.14 33.16
CA ARG B 206 -2.67 3.86 33.81
C ARG B 206 -2.67 2.78 32.75
N HIS B 207 -1.58 2.02 32.69
CA HIS B 207 -1.48 0.94 31.73
C HIS B 207 -2.28 -0.24 32.26
N LYS B 208 -2.63 -1.16 31.37
CA LYS B 208 -3.41 -2.32 31.75
C LYS B 208 -2.75 -3.15 32.86
N ASN B 209 -1.42 -3.13 32.91
CA ASN B 209 -0.70 -3.91 33.91
C ASN B 209 -0.57 -3.28 35.30
N GLY B 210 -1.12 -2.09 35.49
CA GLY B 210 -1.05 -1.48 36.81
C GLY B 210 -0.10 -0.30 37.00
N ILE B 211 0.97 -0.23 36.22
CA ILE B 211 1.90 0.90 36.37
C ILE B 211 1.16 2.18 35.99
N GLU B 212 1.40 3.24 36.75
CA GLU B 212 0.72 4.51 36.52
C GLU B 212 1.71 5.64 36.20
N LYS B 213 1.43 6.40 35.14
CA LYS B 213 2.30 7.48 34.73
C LYS B 213 1.60 8.84 34.68
N ILE B 214 2.21 9.83 35.33
CA ILE B 214 1.64 11.17 35.35
C ILE B 214 2.55 12.13 34.60
N ILE B 215 1.98 12.89 33.67
CA ILE B 215 2.77 13.85 32.92
C ILE B 215 2.13 15.22 32.90
N LYS B 216 2.90 16.20 32.43
CA LYS B 216 2.44 17.58 32.34
C LYS B 216 2.50 18.04 30.89
N CYS B 217 1.35 18.35 30.31
CA CYS B 217 1.31 18.81 28.92
C CYS B 217 0.90 20.25 28.83
N LYS B 218 1.13 20.83 27.67
CA LYS B 218 0.72 22.18 27.42
C LYS B 218 -0.24 22.09 26.26
N PHE B 219 -1.49 22.46 26.52
CA PHE B 219 -2.54 22.45 25.51
C PHE B 219 -2.21 23.54 24.51
N VAL B 220 -1.85 23.16 23.29
CA VAL B 220 -1.50 24.13 22.25
C VAL B 220 -2.36 23.98 21.00
N LYS B 221 -1.99 24.67 19.94
CA LYS B 221 -2.74 24.62 18.70
C LYS B 221 -2.02 23.86 17.59
N SER B 222 -0.70 23.85 17.62
CA SER B 222 0.05 23.15 16.57
C SER B 222 1.12 22.23 17.14
N TYR B 223 1.67 21.38 16.27
CA TYR B 223 2.71 20.43 16.67
C TYR B 223 4.06 21.12 16.86
N PHE B 224 4.25 22.24 16.17
CA PHE B 224 5.49 22.98 16.24
C PHE B 224 5.65 23.83 17.51
N GLU B 225 4.65 23.84 18.37
CA GLU B 225 4.72 24.64 19.61
C GLU B 225 5.23 23.85 20.81
N GLU B 226 5.64 24.57 21.86
CA GLU B 226 6.17 23.96 23.08
C GLU B 226 7.05 22.74 22.83
N LYS B 227 7.88 22.82 21.79
CA LYS B 227 8.77 21.73 21.39
C LYS B 227 9.60 21.07 22.49
N ASN B 228 9.88 21.78 23.57
CA ASN B 228 10.69 21.21 24.63
C ASN B 228 10.00 20.17 25.50
N ASN B 229 8.69 20.31 25.68
CA ASN B 229 7.96 19.35 26.51
C ASN B 229 6.82 18.67 25.76
N PHE B 230 6.09 17.81 26.48
CA PHE B 230 4.96 17.09 25.90
C PHE B 230 3.83 18.08 25.67
N ILE B 231 3.12 17.92 24.56
CA ILE B 231 2.03 18.81 24.26
C ILE B 231 0.79 18.01 23.94
N CYS B 232 -0.37 18.63 24.12
CA CYS B 232 -1.62 17.97 23.78
C CYS B 232 -2.46 19.00 23.03
N LEU B 233 -3.12 18.57 21.97
CA LEU B 233 -3.96 19.44 21.16
C LEU B 233 -5.16 18.66 20.63
N ILE B 234 -6.07 19.35 19.94
CA ILE B 234 -7.23 18.67 19.37
C ILE B 234 -6.85 18.40 17.92
N ASN B 235 -6.91 17.14 17.49
CA ASN B 235 -6.53 16.80 16.12
C ASN B 235 -7.66 16.96 15.13
N SER B 236 -7.34 16.71 13.85
CA SER B 236 -8.30 16.83 12.76
C SER B 236 -9.56 15.96 12.85
N GLU B 237 -9.71 15.23 13.94
CA GLU B 237 -10.89 14.39 14.14
C GLU B 237 -11.65 14.84 15.39
N GLY B 238 -11.19 15.93 15.99
CA GLY B 238 -11.83 16.47 17.18
C GLY B 238 -11.53 15.84 18.52
N PHE B 239 -10.42 15.09 18.63
CA PHE B 239 -10.07 14.44 19.89
C PHE B 239 -8.79 15.03 20.47
N LEU B 240 -8.67 15.01 21.79
CA LEU B 240 -7.48 15.49 22.47
C LEU B 240 -6.38 14.46 22.22
N GLU B 241 -5.25 14.93 21.72
CA GLU B 241 -4.12 14.07 21.40
C GLU B 241 -2.84 14.53 22.13
N ILE B 242 -2.05 13.58 22.63
CA ILE B 242 -0.80 13.86 23.33
C ILE B 242 0.35 13.67 22.36
N SER B 243 1.23 14.66 22.25
CA SER B 243 2.36 14.57 21.32
C SER B 243 3.68 15.13 21.84
N LYS B 244 4.77 14.77 21.16
CA LYS B 244 6.11 15.24 21.51
C LYS B 244 6.79 15.59 20.20
N PHE B 245 7.21 16.84 20.07
CA PHE B 245 7.85 17.31 18.85
C PHE B 245 8.98 16.43 18.35
N ASP B 247 9.25 13.51 18.12
CA ASP B 247 9.43 12.27 18.86
C ASP B 247 8.23 11.32 18.73
N ASN B 248 8.22 10.27 19.54
CA ASN B 248 7.15 9.26 19.53
C ASN B 248 6.68 9.11 20.96
N ALA B 249 5.72 9.95 21.35
CA ALA B 249 5.17 9.95 22.70
C ALA B 249 4.75 8.57 23.16
N SER B 250 4.19 7.80 22.23
CA SER B 250 3.77 6.45 22.55
C SER B 250 4.93 5.64 23.14
N LYS B 251 6.05 5.61 22.41
CA LYS B 251 7.23 4.89 22.86
C LYS B 251 7.85 5.53 24.11
N LEU B 252 7.80 6.86 24.21
CA LEU B 252 8.34 7.53 25.38
C LEU B 252 7.57 7.21 26.66
N LEU B 253 6.25 7.06 26.54
CA LEU B 253 5.42 6.78 27.72
C LEU B 253 5.05 5.32 27.87
N ASN B 254 5.38 4.53 26.85
CA ASN B 254 5.07 3.11 26.88
C ASN B 254 3.55 2.95 26.96
N VAL B 255 2.86 3.81 26.23
CA VAL B 255 1.41 3.83 26.19
C VAL B 255 0.88 3.01 25.03
N ASP B 256 -0.05 2.12 25.32
CA ASP B 256 -0.66 1.27 24.31
C ASP B 256 -2.17 1.53 24.25
N TYR B 257 -2.82 0.97 23.23
CA TYR B 257 -4.24 1.10 23.07
C TYR B 257 -4.97 0.70 24.35
N LEU B 258 -6.06 1.43 24.65
CA LEU B 258 -6.90 1.18 25.82
C LEU B 258 -6.41 1.66 27.18
N ASP B 259 -5.23 2.27 27.24
CA ASP B 259 -4.78 2.74 28.55
C ASP B 259 -5.76 3.78 29.07
N GLU B 260 -6.05 3.72 30.37
CA GLU B 260 -6.97 4.65 30.99
C GLU B 260 -6.37 6.04 31.13
N ILE B 261 -7.14 7.03 30.69
CA ILE B 261 -6.72 8.42 30.74
C ILE B 261 -7.48 9.20 31.80
N GLU B 262 -6.77 10.07 32.51
CA GLU B 262 -7.39 10.87 33.54
C GLU B 262 -6.78 12.27 33.57
N ILE B 263 -7.52 13.25 33.07
CA ILE B 263 -7.04 14.62 33.06
C ILE B 263 -7.38 15.31 34.38
N GLU B 264 -6.67 16.39 34.69
CA GLU B 264 -6.90 17.11 35.93
C GLU B 264 -5.95 18.31 36.08
N ILE C 11 -10.16 14.56 -23.15
CA ILE C 11 -10.84 14.81 -21.85
C ILE C 11 -10.11 14.17 -20.66
N LEU C 12 -10.11 14.88 -19.53
CA LEU C 12 -9.47 14.41 -18.34
C LEU C 12 -10.33 13.33 -17.67
N ASP C 13 -9.75 12.15 -17.51
CA ASP C 13 -10.45 11.03 -16.93
C ASP C 13 -9.66 10.36 -15.80
N ILE C 14 -8.39 10.72 -15.67
CA ILE C 14 -7.52 10.12 -14.64
C ILE C 14 -6.97 11.13 -13.64
N ILE C 15 -6.97 10.74 -12.37
CA ILE C 15 -6.43 11.55 -11.30
C ILE C 15 -5.57 10.68 -10.36
N THR C 16 -4.33 11.07 -10.13
CA THR C 16 -3.44 10.28 -9.28
C THR C 16 -3.18 10.94 -7.94
N LEU C 17 -2.92 10.12 -6.93
CA LEU C 17 -2.62 10.61 -5.59
C LEU C 17 -1.25 10.15 -5.08
N THR C 18 -0.50 11.10 -4.55
CA THR C 18 0.82 10.85 -4.01
C THR C 18 0.93 11.61 -2.68
N THR C 19 1.02 10.90 -1.57
CA THR C 19 1.13 11.56 -0.27
C THR C 19 2.17 10.93 0.65
N ASP C 20 2.28 11.50 1.84
CA ASP C 20 3.19 11.00 2.85
C ASP C 20 2.31 10.72 4.04
N PHE C 21 1.07 10.33 3.73
CA PHE C 21 0.09 10.02 4.77
C PHE C 21 0.22 8.60 5.28
N GLY C 22 0.68 7.71 4.42
CA GLY C 22 0.78 6.32 4.81
C GLY C 22 -0.66 5.83 4.87
N THR C 23 -0.87 4.67 5.49
CA THR C 23 -2.22 4.12 5.61
C THR C 23 -2.52 3.56 7.00
N ASN C 24 -1.78 4.03 7.99
CA ASN C 24 -2.01 3.62 9.38
C ASN C 24 -3.24 4.43 9.83
N GLU C 25 -3.52 5.50 9.10
CA GLU C 25 -4.66 6.36 9.37
C GLU C 25 -5.63 6.36 8.16
N GLY C 26 -6.80 6.99 8.34
CA GLY C 26 -7.78 7.00 7.26
C GLY C 26 -7.78 8.21 6.37
N TYR C 27 -6.70 8.98 6.41
CA TYR C 27 -6.61 10.20 5.61
C TYR C 27 -6.68 9.97 4.11
N VAL C 28 -6.01 8.92 3.63
CA VAL C 28 -6.02 8.65 2.20
C VAL C 28 -7.44 8.27 1.76
N GLY C 29 -8.13 7.52 2.62
CA GLY C 29 -9.50 7.11 2.33
C GLY C 29 -10.45 8.31 2.25
N ALA C 30 -10.33 9.22 3.23
CA ALA C 30 -11.17 10.41 3.26
C ALA C 30 -10.95 11.21 1.99
N LYS C 32 -10.02 9.99 -0.94
CA LYS C 32 -10.61 9.30 -2.07
C LYS C 32 -12.12 9.51 -2.07
N GLY C 33 -12.74 9.38 -0.90
CA GLY C 33 -14.16 9.59 -0.79
C GLY C 33 -14.56 11.01 -1.16
N ARG C 34 -13.81 11.98 -0.63
CA ARG C 34 -14.07 13.38 -0.92
C ARG C 34 -14.18 13.62 -2.41
N ILE C 35 -13.16 13.17 -3.13
CA ILE C 35 -13.08 13.33 -4.57
C ILE C 35 -14.24 12.61 -5.27
N LEU C 36 -14.51 11.39 -4.81
CA LEU C 36 -15.58 10.57 -5.36
C LEU C 36 -16.92 11.24 -5.15
N ASN C 37 -17.10 11.80 -3.97
CA ASN C 37 -18.34 12.46 -3.62
C ASN C 37 -18.64 13.59 -4.61
N ILE C 38 -17.66 14.48 -4.79
CA ILE C 38 -17.82 15.60 -5.71
C ILE C 38 -18.05 15.05 -7.10
N LEU C 39 -17.35 13.96 -7.42
CA LEU C 39 -17.46 13.35 -8.74
C LEU C 39 -18.84 12.75 -9.02
N LYS C 40 -19.45 12.16 -8.00
CA LYS C 40 -20.77 11.57 -8.17
C LYS C 40 -21.86 12.61 -8.06
N LYS C 41 -21.48 13.88 -7.95
CA LYS C 41 -22.46 14.96 -7.83
C LYS C 41 -22.46 15.76 -9.13
N TYR C 42 -21.82 15.22 -10.15
CA TYR C 42 -21.72 15.85 -11.46
C TYR C 42 -21.57 14.67 -12.42
N ASN C 43 -21.90 13.49 -11.90
CA ASN C 43 -21.80 12.23 -12.62
C ASN C 43 -20.64 12.25 -13.60
N LYS C 44 -19.48 12.62 -13.08
CA LYS C 44 -18.24 12.66 -13.85
C LYS C 44 -17.51 11.37 -13.53
N ASP C 45 -17.28 10.55 -14.54
CA ASP C 45 -16.60 9.27 -14.33
C ASP C 45 -15.08 9.42 -14.50
N ALA C 46 -14.33 8.94 -13.51
CA ALA C 46 -12.88 9.03 -13.57
C ALA C 46 -12.19 7.97 -12.74
N LYS C 47 -10.94 7.70 -13.10
CA LYS C 47 -10.13 6.72 -12.39
C LYS C 47 -9.21 7.39 -11.37
N ILE C 48 -9.26 6.90 -10.14
CA ILE C 48 -8.44 7.41 -9.05
C ILE C 48 -7.28 6.44 -8.87
N ILE C 49 -6.13 6.81 -9.40
CA ILE C 49 -4.95 5.96 -9.31
C ILE C 49 -4.08 6.36 -8.14
N ASP C 50 -3.51 5.36 -7.50
CA ASP C 50 -2.61 5.58 -6.37
C ASP C 50 -1.18 5.43 -6.88
N ILE C 51 -0.35 6.44 -6.66
CA ILE C 51 1.04 6.36 -7.07
C ILE C 51 1.86 5.86 -5.89
N SER C 52 1.63 6.47 -4.73
CA SER C 52 2.31 6.09 -3.50
C SER C 52 1.89 6.97 -2.32
N HIS C 53 1.80 6.38 -1.14
CA HIS C 53 1.43 7.12 0.05
C HIS C 53 2.49 6.86 1.10
N GLU C 54 3.63 6.36 0.65
CA GLU C 54 4.71 6.05 1.55
C GLU C 54 5.88 7.01 1.40
N ILE C 55 5.60 8.20 0.89
CA ILE C 55 6.64 9.19 0.76
C ILE C 55 7.01 9.50 2.21
N LYS C 56 8.30 9.70 2.48
CA LYS C 56 8.73 10.00 3.84
C LYS C 56 8.15 11.34 4.25
N PRO C 57 7.52 11.38 5.44
CA PRO C 57 6.89 12.57 6.02
C PRO C 57 7.64 13.88 5.81
N PHE C 58 7.04 14.80 5.05
CA PHE C 58 7.63 16.10 4.82
C PHE C 58 8.82 16.14 3.88
N ASN C 59 9.22 15.00 3.35
CA ASN C 59 10.36 14.96 2.46
C ASN C 59 9.90 15.20 1.02
N ILE C 60 10.01 16.44 0.57
CA ILE C 60 9.59 16.82 -0.79
C ILE C 60 10.55 16.30 -1.88
N TYR C 61 11.79 16.03 -1.48
CA TYR C 61 12.79 15.55 -2.43
C TYR C 61 12.37 14.14 -2.83
N HIS C 62 12.03 13.36 -1.82
CA HIS C 62 11.55 12.00 -2.02
C HIS C 62 10.32 12.06 -2.97
N GLY C 63 9.34 12.90 -2.61
CA GLY C 63 8.16 13.04 -3.43
C GLY C 63 8.47 13.48 -4.85
N ALA C 64 9.26 14.54 -4.98
CA ALA C 64 9.62 15.04 -6.30
C ALA C 64 10.18 13.93 -7.19
N TYR C 65 10.99 13.04 -6.60
CA TYR C 65 11.59 11.93 -7.35
C TYR C 65 10.55 10.90 -7.78
N VAL C 66 9.65 10.55 -6.89
CA VAL C 66 8.60 9.59 -7.23
C VAL C 66 7.71 10.15 -8.35
N LEU C 67 7.39 11.44 -8.26
CA LEU C 67 6.53 12.05 -9.26
C LEU C 67 7.18 12.04 -10.63
N LEU C 68 8.50 12.25 -10.65
CA LEU C 68 9.27 12.27 -11.89
C LEU C 68 9.31 10.89 -12.51
N THR C 69 9.30 9.88 -11.66
CA THR C 69 9.34 8.50 -12.10
C THR C 69 8.02 7.97 -12.67
N ALA C 70 6.91 8.25 -12.00
CA ALA C 70 5.61 7.75 -12.44
C ALA C 70 4.82 8.52 -13.49
N ILE C 71 4.59 9.82 -13.23
CA ILE C 71 3.76 10.68 -14.08
C ILE C 71 3.99 10.75 -15.59
N PRO C 72 5.20 11.06 -16.05
CA PRO C 72 5.37 11.13 -17.50
C PRO C 72 4.88 9.90 -18.30
N TYR C 73 4.63 8.79 -17.62
CA TYR C 73 4.16 7.60 -18.32
C TYR C 73 2.65 7.55 -18.48
N PHE C 74 1.95 8.38 -17.71
CA PHE C 74 0.50 8.46 -17.78
C PHE C 74 0.10 9.30 -18.98
N PRO C 75 -1.15 9.16 -19.43
CA PRO C 75 -1.57 9.98 -20.56
C PRO C 75 -2.04 11.27 -19.88
N PRO C 76 -2.27 12.35 -20.64
CA PRO C 76 -2.73 13.62 -20.03
C PRO C 76 -3.76 13.37 -18.93
N SER C 77 -3.50 13.91 -17.75
CA SER C 77 -4.40 13.72 -16.63
C SER C 77 -4.07 14.65 -15.46
N VAL C 78 -4.74 14.42 -14.33
CA VAL C 78 -4.56 15.25 -13.14
C VAL C 78 -3.74 14.52 -12.08
N HIS C 79 -2.93 15.29 -11.34
CA HIS C 79 -2.09 14.69 -10.31
C HIS C 79 -2.03 15.52 -9.04
N VAL C 80 -2.53 14.94 -7.97
CA VAL C 80 -2.53 15.61 -6.69
C VAL C 80 -1.40 15.01 -5.86
N ALA C 81 -0.45 15.87 -5.46
CA ALA C 81 0.67 15.43 -4.65
C ALA C 81 0.63 16.31 -3.42
N VAL C 82 0.58 15.66 -2.25
CA VAL C 82 0.47 16.36 -0.98
C VAL C 82 1.60 16.08 0.02
N ILE C 83 2.66 16.87 -0.06
CA ILE C 83 3.79 16.74 0.86
C ILE C 83 4.29 18.15 1.12
N ASP C 84 4.28 18.56 2.38
CA ASP C 84 4.76 19.91 2.70
C ASP C 84 4.97 20.09 4.20
N PRO C 85 6.24 20.28 4.61
CA PRO C 85 6.59 20.47 6.03
C PRO C 85 5.94 21.68 6.70
N THR C 86 5.20 22.48 5.92
CA THR C 86 4.52 23.66 6.46
C THR C 86 3.03 23.39 6.70
N ARG C 91 0.87 28.94 3.60
CA ARG C 91 1.10 27.88 2.64
C ARG C 91 0.58 28.25 1.24
N LYS C 92 1.48 28.38 0.28
CA LYS C 92 1.11 28.71 -1.10
C LYS C 92 0.70 27.43 -1.85
N SER C 93 -0.41 27.49 -2.58
CA SER C 93 -0.91 26.33 -3.31
C SER C 93 -1.12 26.65 -4.79
N ILE C 94 -0.78 25.70 -5.66
CA ILE C 94 -0.90 25.95 -7.08
C ILE C 94 -1.47 24.82 -7.93
N VAL C 95 -1.67 25.14 -9.20
CA VAL C 95 -2.17 24.24 -10.21
C VAL C 95 -1.25 24.51 -11.37
N ILE C 96 -0.41 23.55 -11.74
CA ILE C 96 0.49 23.73 -12.86
C ILE C 96 -0.16 23.08 -14.05
N GLU C 97 -0.32 23.84 -15.13
CA GLU C 97 -0.90 23.31 -16.34
C GLU C 97 0.24 23.04 -17.31
N THR C 98 0.29 21.81 -17.80
CA THR C 98 1.32 21.33 -18.72
C THR C 98 1.00 21.65 -20.18
N LYS C 99 2.04 21.62 -21.01
CA LYS C 99 1.89 21.88 -22.43
C LYS C 99 0.89 20.92 -23.06
N SER C 100 0.98 19.64 -22.70
CA SER C 100 0.08 18.63 -23.25
C SER C 100 -1.21 18.44 -22.47
N GLY C 101 -1.46 19.31 -21.49
CA GLY C 101 -2.70 19.19 -20.76
C GLY C 101 -2.69 18.41 -19.46
N TYR C 102 -1.55 18.27 -18.81
CA TYR C 102 -1.53 17.58 -17.53
C TYR C 102 -1.76 18.67 -16.51
N TYR C 103 -2.28 18.30 -15.36
CA TYR C 103 -2.46 19.28 -14.31
C TYR C 103 -1.79 18.74 -13.07
N LEU C 104 -0.99 19.58 -12.43
CA LEU C 104 -0.31 19.19 -11.19
C LEU C 104 -0.97 20.03 -10.11
N VAL C 105 -1.39 19.39 -9.04
CA VAL C 105 -2.05 20.10 -7.97
C VAL C 105 -1.35 19.81 -6.67
N GLY C 106 -0.98 20.86 -5.96
CA GLY C 106 -0.32 20.66 -4.69
C GLY C 106 0.46 21.89 -4.30
N PRO C 107 1.19 21.84 -3.18
CA PRO C 107 1.99 22.96 -2.65
C PRO C 107 3.06 23.51 -3.58
N ASP C 108 3.23 24.83 -3.55
CA ASP C 108 4.23 25.53 -4.33
C ASP C 108 5.45 25.62 -3.42
N ASN C 109 6.16 24.49 -3.29
CA ASN C 109 7.34 24.38 -2.45
C ASN C 109 8.46 23.59 -3.13
N GLY C 110 8.32 23.37 -4.44
CA GLY C 110 9.33 22.65 -5.20
C GLY C 110 9.00 21.18 -5.47
N LEU C 111 7.95 20.70 -4.81
CA LEU C 111 7.50 19.33 -4.96
C LEU C 111 7.40 18.88 -6.44
N PHE C 112 6.78 19.70 -7.28
CA PHE C 112 6.60 19.36 -8.69
C PHE C 112 7.76 19.82 -9.59
N THR C 113 8.89 20.17 -8.99
CA THR C 113 10.02 20.68 -9.78
C THR C 113 10.45 19.83 -10.97
N TYR C 114 10.76 18.55 -10.73
CA TYR C 114 11.22 17.68 -11.82
C TYR C 114 10.13 17.32 -12.80
N VAL C 115 8.96 16.97 -12.30
CA VAL C 115 7.87 16.59 -13.18
C VAL C 115 7.47 17.75 -14.08
N ALA C 116 7.40 18.94 -13.46
CA ALA C 116 7.01 20.16 -14.17
C ALA C 116 7.88 20.46 -15.39
N GLU C 117 9.20 20.35 -15.20
CA GLU C 117 10.13 20.62 -16.29
C GLU C 117 10.01 19.56 -17.40
N LYS C 118 9.93 18.30 -17.02
CA LYS C 118 9.82 17.21 -17.99
C LYS C 118 8.61 17.40 -18.89
N LEU C 119 7.47 17.71 -18.28
CA LEU C 119 6.23 17.91 -19.01
C LEU C 119 6.16 19.28 -19.68
N GLY C 120 6.87 20.25 -19.13
CA GLY C 120 6.86 21.60 -19.69
C GLY C 120 5.69 22.39 -19.13
N ILE C 121 5.98 23.57 -18.59
CA ILE C 121 4.93 24.41 -18.01
C ILE C 121 4.22 25.29 -19.02
N LYS C 122 2.90 25.28 -18.95
CA LYS C 122 2.07 26.09 -19.83
C LYS C 122 1.67 27.30 -18.99
N ARG C 123 1.21 27.05 -17.77
CA ARG C 123 0.81 28.11 -16.86
C ARG C 123 0.68 27.62 -15.43
N ILE C 124 1.01 28.50 -14.50
CA ILE C 124 0.94 28.19 -13.08
C ILE C 124 -0.20 29.06 -12.54
N ILE C 125 -1.19 28.42 -11.91
CA ILE C 125 -2.30 29.18 -11.37
C ILE C 125 -2.33 29.12 -9.87
N LYS C 126 -2.43 30.29 -9.25
CA LYS C 126 -2.50 30.34 -7.79
C LYS C 126 -3.87 29.79 -7.43
N ILE C 127 -3.98 29.22 -6.25
CA ILE C 127 -5.25 28.69 -5.78
C ILE C 127 -5.76 29.66 -4.73
N ASP C 128 -6.91 30.27 -4.98
CA ASP C 128 -7.47 31.22 -4.03
C ASP C 128 -8.15 30.46 -2.90
N GLU C 129 -7.68 30.65 -1.68
CA GLU C 129 -8.28 29.98 -0.53
C GLU C 129 -9.74 30.39 -0.40
N GLU C 130 -10.59 29.77 -1.23
CA GLU C 130 -12.03 30.00 -1.24
C GLU C 130 -12.64 28.65 -0.87
N ARG C 131 -11.93 27.94 0.00
CA ARG C 131 -12.36 26.63 0.48
C ARG C 131 -12.19 26.55 2.00
N GLY C 140 -5.75 21.37 4.54
CA GLY C 140 -5.38 21.44 3.14
C GLY C 140 -5.59 20.12 2.44
N ARG C 141 -5.84 19.07 3.22
CA ARG C 141 -6.06 17.75 2.65
C ARG C 141 -7.27 17.80 1.71
N ASP C 142 -8.29 18.57 2.09
CA ASP C 142 -9.50 18.68 1.29
C ASP C 142 -9.33 19.60 0.08
N VAL C 143 -8.64 20.71 0.25
CA VAL C 143 -8.46 21.65 -0.86
C VAL C 143 -7.88 20.96 -2.10
N TYR C 144 -6.71 20.34 -1.96
CA TYR C 144 -6.09 19.67 -3.09
C TYR C 144 -7.06 18.63 -3.66
N ALA C 145 -7.76 17.92 -2.79
CA ALA C 145 -8.72 16.92 -3.21
C ALA C 145 -9.82 17.57 -4.05
N VAL C 146 -10.49 18.56 -3.45
CA VAL C 146 -11.55 19.27 -4.13
C VAL C 146 -11.09 19.88 -5.45
N VAL C 147 -9.95 20.57 -5.39
CA VAL C 147 -9.38 21.21 -6.57
C VAL C 147 -9.07 20.20 -7.68
N GLY C 148 -8.78 18.97 -7.30
CA GLY C 148 -8.47 17.95 -8.29
C GLY C 148 -9.72 17.47 -9.00
N ALA C 149 -10.73 17.09 -8.21
CA ALA C 149 -11.99 16.61 -8.76
C ALA C 149 -12.57 17.70 -9.65
N GLU C 150 -12.49 18.93 -9.15
CA GLU C 150 -13.00 20.10 -9.87
C GLU C 150 -12.43 20.18 -11.26
N ILE C 151 -11.10 20.02 -11.37
CA ILE C 151 -10.42 20.07 -12.66
C ILE C 151 -10.93 18.94 -13.57
N LEU C 152 -11.30 17.81 -12.98
CA LEU C 152 -11.82 16.68 -13.77
C LEU C 152 -13.21 17.03 -14.31
N ILE C 153 -14.03 17.58 -13.43
CA ILE C 153 -15.38 17.99 -13.79
C ILE C 153 -15.43 19.09 -14.85
N ASN C 154 -14.49 20.03 -14.81
CA ASN C 154 -14.47 21.12 -15.80
C ASN C 154 -13.44 20.90 -16.88
N ASN C 155 -12.61 19.89 -16.71
CA ASN C 155 -11.54 19.59 -17.67
C ASN C 155 -10.59 20.76 -17.82
N GLY C 156 -10.23 21.39 -16.71
CA GLY C 156 -9.31 22.52 -16.75
C GLY C 156 -9.42 23.38 -15.49
N TYR C 157 -8.63 24.45 -15.43
CA TYR C 157 -8.66 25.34 -14.27
C TYR C 157 -8.48 26.81 -14.67
N ASP C 158 -8.83 27.72 -13.76
CA ASP C 158 -8.65 29.15 -13.99
C ASP C 158 -8.40 29.89 -12.68
N GLY C 159 -7.69 31.00 -12.78
CA GLY C 159 -7.39 31.77 -11.58
C GLY C 159 -6.22 32.68 -11.82
N GLU C 160 -5.80 33.40 -10.79
CA GLU C 160 -4.68 34.32 -10.89
C GLU C 160 -3.46 33.55 -11.39
N GLU C 161 -2.83 34.05 -12.45
CA GLU C 161 -1.67 33.38 -13.00
C GLU C 161 -0.41 33.79 -12.24
N LEU C 162 0.43 32.83 -11.90
CA LEU C 162 1.67 33.14 -11.20
C LEU C 162 2.81 33.04 -12.22
N ASP C 163 3.84 33.84 -12.04
CA ASP C 163 4.98 33.85 -12.95
C ASP C 163 5.98 32.72 -12.78
N GLU C 164 6.40 32.50 -11.53
CA GLU C 164 7.37 31.46 -11.25
C GLU C 164 7.04 30.74 -9.96
N VAL C 166 8.48 27.81 -6.82
CA VAL C 166 9.65 27.44 -6.04
C VAL C 166 10.23 26.22 -6.76
N LYS C 167 11.54 26.19 -6.95
CA LYS C 167 12.16 25.04 -7.62
C LYS C 167 13.31 24.50 -6.81
N ILE C 168 13.46 23.19 -6.80
CA ILE C 168 14.56 22.53 -6.10
C ILE C 168 15.79 22.85 -6.94
N ASP C 169 16.79 23.44 -6.31
CA ASP C 169 18.02 23.78 -7.02
C ASP C 169 18.74 22.54 -7.56
N GLU C 170 18.68 22.35 -8.87
CA GLU C 170 19.29 21.19 -9.52
C GLU C 170 20.70 21.43 -10.04
N THR C 171 21.27 22.59 -9.73
CA THR C 171 22.63 22.90 -10.17
C THR C 171 23.56 22.59 -9.01
N LYS C 172 22.98 22.39 -7.84
CA LYS C 172 23.73 22.07 -6.64
C LYS C 172 23.82 20.55 -6.54
N LYS C 173 24.97 19.98 -6.94
CA LYS C 173 25.16 18.53 -6.88
C LYS C 173 25.00 18.02 -5.46
N ARG C 174 24.09 17.07 -5.28
CA ARG C 174 23.85 16.48 -3.96
C ARG C 174 22.95 15.26 -4.09
N VAL C 175 22.60 14.67 -2.96
CA VAL C 175 21.77 13.48 -2.93
C VAL C 175 20.30 13.79 -3.19
N ILE C 176 19.82 13.32 -4.35
CA ILE C 176 18.43 13.46 -4.83
C ILE C 176 17.47 12.59 -4.01
N HIS C 177 17.84 11.33 -3.91
CA HIS C 177 16.96 10.36 -3.31
C HIS C 177 17.68 9.13 -2.76
N ILE C 178 17.02 8.39 -1.88
CA ILE C 178 17.60 7.18 -1.35
C ILE C 178 16.64 6.02 -1.60
N ASP C 179 17.15 5.03 -2.35
CA ASP C 179 16.48 3.79 -2.75
C ASP C 179 15.91 3.06 -1.54
N ARG C 180 15.05 2.08 -1.81
CA ARG C 180 14.47 1.27 -0.74
C ARG C 180 15.58 0.30 -0.31
N PHE C 181 16.55 0.10 -1.20
CA PHE C 181 17.69 -0.77 -0.96
C PHE C 181 18.80 -0.02 -0.22
N GLY C 182 18.72 1.31 -0.22
CA GLY C 182 19.74 2.11 0.44
C GLY C 182 20.68 2.78 -0.55
N ASN C 183 20.38 2.61 -1.84
CA ASN C 183 21.21 3.22 -2.87
C ASN C 183 21.10 4.72 -2.82
N ILE C 184 22.23 5.39 -3.02
CA ILE C 184 22.32 6.82 -2.99
C ILE C 184 22.17 7.40 -4.38
N ILE C 185 21.01 8.00 -4.66
CA ILE C 185 20.77 8.60 -5.97
C ILE C 185 21.17 10.07 -5.91
N THR C 186 22.00 10.46 -6.86
CA THR C 186 22.54 11.80 -6.95
C THR C 186 21.89 12.71 -8.03
N ASN C 187 22.15 14.01 -7.93
CA ASN C 187 21.65 15.02 -8.88
C ASN C 187 22.27 14.89 -10.26
N ILE C 188 23.53 14.49 -10.29
CA ILE C 188 24.30 14.34 -11.53
C ILE C 188 23.60 13.51 -12.59
N LYS C 189 23.25 14.16 -13.70
CA LYS C 189 22.58 13.49 -14.80
C LYS C 189 23.59 12.73 -15.67
N LYS C 190 23.10 12.05 -16.70
CA LYS C 190 23.97 11.30 -17.60
C LYS C 190 24.95 12.19 -18.35
N ASP C 191 25.23 13.37 -17.80
CA ASP C 191 26.16 14.32 -18.40
C ASP C 191 26.93 15.07 -17.30
N PHE C 195 33.67 11.34 -17.11
CA PHE C 195 34.55 10.18 -17.08
C PHE C 195 33.99 8.99 -17.85
N LYS C 196 34.75 7.89 -17.90
CA LYS C 196 34.33 6.70 -18.64
C LYS C 196 34.00 5.47 -17.80
N TYR C 197 33.48 4.44 -18.46
CA TYR C 197 33.11 3.19 -17.80
C TYR C 197 34.30 2.45 -17.22
N TYR C 198 34.05 1.70 -16.15
CA TYR C 198 35.06 0.91 -15.47
C TYR C 198 36.17 1.70 -14.79
N ASP C 199 36.19 3.02 -14.93
CA ASP C 199 37.21 3.84 -14.27
C ASP C 199 36.95 3.89 -12.76
N THR C 200 37.90 4.43 -12.01
CA THR C 200 37.74 4.54 -10.57
C THR C 200 37.54 5.99 -10.14
N ILE C 201 36.29 6.34 -9.87
CA ILE C 201 35.93 7.69 -9.46
C ILE C 201 36.10 7.88 -7.97
N ILE C 203 34.72 9.98 -4.85
CA ILE C 203 33.57 10.76 -4.46
C ILE C 203 33.63 11.31 -3.04
N LYS C 204 33.52 12.63 -2.92
CA LYS C 204 33.54 13.29 -1.63
C LYS C 204 32.09 13.65 -1.30
N ILE C 205 31.68 13.37 -0.07
CA ILE C 205 30.33 13.65 0.36
C ILE C 205 30.36 14.48 1.64
N ARG C 206 29.72 15.64 1.60
CA ARG C 206 29.67 16.52 2.77
C ARG C 206 28.29 16.41 3.38
N HIS C 207 28.25 15.96 4.63
CA HIS C 207 27.01 15.80 5.35
C HIS C 207 26.53 17.15 5.88
N LYS C 208 25.38 17.15 6.53
CA LYS C 208 24.82 18.36 7.11
C LYS C 208 25.69 18.78 8.30
N ASN C 209 26.06 17.79 9.10
CA ASN C 209 26.89 18.00 10.28
C ASN C 209 28.21 18.73 9.96
N GLY C 210 28.74 18.50 8.76
CA GLY C 210 29.98 19.15 8.39
C GLY C 210 31.06 18.19 7.96
N ILE C 211 31.11 17.01 8.58
CA ILE C 211 32.10 15.97 8.26
C ILE C 211 32.07 15.55 6.79
N GLU C 212 33.24 15.23 6.25
CA GLU C 212 33.31 14.80 4.85
C GLU C 212 33.77 13.35 4.73
N LYS C 213 33.24 12.66 3.74
CA LYS C 213 33.62 11.27 3.50
C LYS C 213 34.07 11.10 2.06
N ILE C 214 35.20 10.43 1.87
CA ILE C 214 35.72 10.19 0.53
C ILE C 214 35.75 8.69 0.28
N ILE C 215 35.08 8.25 -0.77
CA ILE C 215 35.02 6.82 -1.10
C ILE C 215 35.45 6.64 -2.53
N LYS C 216 35.93 5.45 -2.86
CA LYS C 216 36.36 5.16 -4.22
C LYS C 216 35.28 4.30 -4.85
N CYS C 217 34.86 4.64 -6.06
CA CYS C 217 33.82 3.89 -6.75
C CYS C 217 34.22 3.41 -8.13
N LYS C 218 33.64 2.28 -8.50
CA LYS C 218 33.89 1.68 -9.79
C LYS C 218 32.67 2.04 -10.65
N PHE C 219 32.89 2.85 -11.67
CA PHE C 219 31.81 3.23 -12.56
C PHE C 219 31.47 2.04 -13.47
N VAL C 220 30.33 1.42 -13.23
CA VAL C 220 29.92 0.26 -14.01
C VAL C 220 28.63 0.48 -14.79
N LYS C 221 28.01 -0.61 -15.23
CA LYS C 221 26.77 -0.53 -15.99
C LYS C 221 25.68 -1.47 -15.46
N SER C 222 25.95 -2.13 -14.33
CA SER C 222 24.96 -3.03 -13.72
C SER C 222 25.31 -3.26 -12.25
N TYR C 223 24.29 -3.48 -11.42
CA TYR C 223 24.51 -3.68 -9.99
C TYR C 223 25.33 -4.91 -9.61
N PHE C 224 25.37 -5.92 -10.49
CA PHE C 224 26.10 -7.15 -10.17
C PHE C 224 27.61 -7.10 -10.28
N GLU C 225 28.11 -6.37 -11.26
CA GLU C 225 29.54 -6.23 -11.49
C GLU C 225 30.31 -5.66 -10.30
N GLU C 226 31.55 -6.10 -10.12
CA GLU C 226 32.43 -5.65 -9.05
C GLU C 226 31.84 -5.70 -7.64
N LYS C 227 31.20 -6.82 -7.29
CA LYS C 227 30.57 -7.02 -5.98
C LYS C 227 31.38 -6.69 -4.73
N ASN C 228 32.66 -6.37 -4.88
CA ASN C 228 33.50 -6.12 -3.71
C ASN C 228 33.52 -4.71 -3.15
N ASN C 229 33.69 -3.73 -4.02
CA ASN C 229 33.74 -2.34 -3.57
C ASN C 229 32.44 -1.59 -3.82
N PHE C 230 32.49 -0.28 -3.59
CA PHE C 230 31.35 0.59 -3.82
C PHE C 230 31.28 0.89 -5.31
N ILE C 231 30.09 0.82 -5.89
CA ILE C 231 29.95 1.08 -7.31
C ILE C 231 29.02 2.26 -7.54
N CYS C 232 29.12 2.87 -8.70
CA CYS C 232 28.24 3.96 -9.07
C CYS C 232 27.82 3.71 -10.51
N LEU C 233 26.59 4.07 -10.85
CA LEU C 233 26.09 3.84 -12.20
C LEU C 233 24.93 4.76 -12.54
N ILE C 234 24.50 4.71 -13.79
CA ILE C 234 23.35 5.52 -14.22
C ILE C 234 22.09 4.68 -14.02
N ASN C 235 21.17 5.15 -13.20
CA ASN C 235 19.98 4.39 -12.95
C ASN C 235 18.91 4.63 -14.01
N SER C 236 17.85 3.84 -13.95
CA SER C 236 16.75 3.93 -14.90
C SER C 236 16.11 5.32 -15.04
N GLU C 237 16.56 6.28 -14.24
CA GLU C 237 16.04 7.64 -14.31
C GLU C 237 17.10 8.57 -14.91
N GLY C 238 18.25 8.01 -15.27
CA GLY C 238 19.32 8.79 -15.85
C GLY C 238 20.21 9.52 -14.85
N PHE C 239 20.21 9.06 -13.60
CA PHE C 239 21.03 9.70 -12.56
C PHE C 239 22.18 8.82 -12.07
N LEU C 240 23.29 9.45 -11.68
CA LEU C 240 24.45 8.71 -11.16
C LEU C 240 24.06 8.20 -9.77
N GLU C 241 24.15 6.89 -9.57
CA GLU C 241 23.77 6.27 -8.31
C GLU C 241 24.90 5.48 -7.65
N ILE C 242 25.00 5.58 -6.32
CA ILE C 242 26.02 4.87 -5.56
C ILE C 242 25.38 3.66 -4.88
N SER C 243 25.93 2.48 -5.12
CA SER C 243 25.39 1.25 -4.55
C SER C 243 26.46 0.29 -4.02
N LYS C 244 26.04 -0.66 -3.21
CA LYS C 244 26.93 -1.66 -2.67
C LYS C 244 26.22 -2.99 -2.71
N PHE C 245 26.69 -3.89 -3.58
CA PHE C 245 26.11 -5.21 -3.77
C PHE C 245 25.54 -5.86 -2.53
N ASP C 247 23.89 -4.75 -0.19
CA ASP C 247 24.04 -3.98 1.04
C ASP C 247 23.40 -2.60 0.90
N ASN C 248 23.32 -1.88 2.01
CA ASN C 248 22.72 -0.56 2.04
C ASN C 248 23.79 0.54 2.03
N ALA C 249 24.04 1.13 0.87
CA ALA C 249 25.06 2.16 0.78
C ALA C 249 24.77 3.36 1.70
N SER C 250 23.54 3.81 1.76
CA SER C 250 23.23 4.95 2.60
C SER C 250 23.58 4.70 4.07
N LYS C 251 23.22 3.54 4.60
CA LYS C 251 23.51 3.27 6.01
C LYS C 251 25.00 3.11 6.27
N LEU C 252 25.68 2.35 5.43
CA LEU C 252 27.11 2.14 5.57
C LEU C 252 27.88 3.47 5.62
N LEU C 253 27.61 4.36 4.67
CA LEU C 253 28.30 5.65 4.62
C LEU C 253 27.60 6.71 5.43
N ASN C 254 26.46 6.34 6.01
CA ASN C 254 25.64 7.27 6.82
C ASN C 254 25.22 8.51 6.01
N VAL C 255 24.78 8.30 4.77
CA VAL C 255 24.36 9.40 3.90
C VAL C 255 22.85 9.69 3.95
N ASP C 256 22.52 10.97 4.01
CA ASP C 256 21.14 11.40 4.08
C ASP C 256 20.78 12.26 2.88
N TYR C 257 19.49 12.58 2.76
CA TYR C 257 19.00 13.44 1.67
C TYR C 257 19.73 14.78 1.72
N LEU C 258 20.01 15.33 0.56
CA LEU C 258 20.66 16.64 0.47
C LEU C 258 22.14 16.71 0.87
N ASP C 259 22.80 15.58 1.07
CA ASP C 259 24.24 15.66 1.38
C ASP C 259 24.95 16.09 0.09
N GLU C 260 25.90 17.02 0.22
CA GLU C 260 26.62 17.53 -0.93
C GLU C 260 27.53 16.46 -1.55
N ILE C 261 27.56 16.44 -2.88
CA ILE C 261 28.35 15.46 -3.59
C ILE C 261 29.36 16.11 -4.51
N GLU C 262 30.59 15.62 -4.46
CA GLU C 262 31.65 16.16 -5.29
C GLU C 262 32.44 15.02 -5.92
N ILE C 263 32.57 15.05 -7.24
CA ILE C 263 33.33 14.02 -7.94
C ILE C 263 34.67 14.63 -8.34
N GLU C 264 35.74 13.84 -8.20
CA GLU C 264 37.07 14.31 -8.53
C GLU C 264 37.96 13.23 -9.11
#